data_3B1N
#
_entry.id   3B1N
#
_cell.length_a   44.583
_cell.length_b   164.654
_cell.length_c   182.540
_cell.angle_alpha   90.00
_cell.angle_beta   90.00
_cell.angle_gamma   90.00
#
_symmetry.space_group_name_H-M   'C 2 2 21'
#
loop_
_entity.id
_entity.type
_entity.pdbx_description
1 polymer 'Ribokinase, putative'
2 non-polymer 5-hydroxy-1-(beta-D-ribofuranosyl)-1H-imidazole-4-carboxamide
3 non-polymer "ADENOSINE-5'-DIPHOSPHATE"
4 non-polymer 'SODIUM ION'
5 non-polymer GLYCEROL
6 water water
#
_entity_poly.entity_id   1
_entity_poly.type   'polypeptide(L)'
_entity_poly.pdbx_seq_one_letter_code
;MATLICGSIAYDNIMTFEGRFREHILPDQVHLINLSFLVPTMRREFGGCAGNIAYALNLLGGDARMMGTLGAVDAQPYLD
RMDALGLSREYVRVLPDTYSAQAMITTDLDNNQITAFHPGAMMQSHVNHAGEAKDIKLAIVGPDGFQGMVQHTEELAQAG
VPFIFDPGQGLPLFDGATLRRSIELATYIAVNDYEAKLVCDKTGWSEDEIASRVQALIITRGEHGATIRHRDGTEQIPAV
RAERVIDPTGCGDAFRGGLLYGIEHGFDWATAGRLASLMGALKIAHQGPQTYAPTRAEIDARFETAFGYRPKGSKLRSLE
HHHHHH
;
_entity_poly.pdbx_strand_id   A,B
#
# COMPACT_ATOMS: atom_id res chain seq x y z
N ALA A 2 19.45 30.26 13.98
CA ALA A 2 18.62 29.48 13.01
C ALA A 2 18.38 28.10 13.61
N THR A 3 17.40 27.40 13.04
CA THR A 3 17.11 25.99 13.42
C THR A 3 17.52 25.08 12.28
N LEU A 4 18.37 24.12 12.58
CA LEU A 4 18.85 23.16 11.58
C LEU A 4 17.90 21.96 11.52
N ILE A 5 17.37 21.72 10.34
CA ILE A 5 16.37 20.64 10.13
C ILE A 5 17.04 19.53 9.27
N CYS A 6 17.51 18.48 9.92
CA CYS A 6 18.20 17.37 9.22
C CYS A 6 17.18 16.29 8.97
N GLY A 7 17.15 15.78 7.74
CA GLY A 7 16.23 14.71 7.43
C GLY A 7 16.07 14.55 5.93
N SER A 8 15.21 13.60 5.61
CA SER A 8 14.94 13.36 4.19
C SER A 8 14.27 14.52 3.46
N ILE A 9 14.62 14.64 2.19
CA ILE A 9 13.96 15.58 1.26
C ILE A 9 13.54 14.71 0.10
N ALA A 10 12.24 14.64 -0.15
CA ALA A 10 11.71 13.54 -1.00
C ALA A 10 10.49 13.97 -1.77
N TYR A 11 10.19 13.22 -2.84
CA TYR A 11 8.89 13.37 -3.49
C TYR A 11 7.99 12.25 -3.08
N ASP A 12 6.76 12.58 -2.71
CA ASP A 12 5.85 11.61 -2.16
C ASP A 12 4.73 11.29 -3.13
N ASN A 13 4.37 10.02 -3.21
CA ASN A 13 3.20 9.57 -3.91
C ASN A 13 2.34 8.94 -2.85
N ILE A 14 1.25 9.62 -2.47
CA ILE A 14 0.49 9.26 -1.30
C ILE A 14 -0.85 8.77 -1.75
N MET A 15 -1.21 7.58 -1.26
CA MET A 15 -2.47 6.97 -1.58
CA MET A 15 -2.47 6.91 -1.56
C MET A 15 -3.23 6.83 -0.26
N THR A 16 -4.16 7.75 -0.02
CA THR A 16 -4.87 7.77 1.25
C THR A 16 -6.22 7.10 1.13
N PHE A 17 -6.40 6.00 1.84
CA PHE A 17 -7.67 5.31 1.91
C PHE A 17 -8.65 6.19 2.69
N GLU A 18 -9.80 6.47 2.07
CA GLU A 18 -10.82 7.27 2.77
C GLU A 18 -11.59 6.33 3.70
N GLY A 19 -10.94 5.91 4.78
CA GLY A 19 -11.45 4.90 5.67
C GLY A 19 -10.35 4.54 6.66
N ARG A 20 -10.57 3.42 7.34
CA ARG A 20 -9.67 3.00 8.41
C ARG A 20 -9.35 1.55 8.19
N PHE A 21 -8.05 1.24 8.03
CA PHE A 21 -7.66 -0.18 7.83
C PHE A 21 -8.13 -1.04 9.02
N ARG A 22 -8.19 -0.50 10.22
CA ARG A 22 -8.65 -1.23 11.38
C ARG A 22 -10.03 -1.88 11.15
N GLU A 23 -10.89 -1.24 10.35
CA GLU A 23 -12.25 -1.73 10.06
C GLU A 23 -12.26 -2.83 9.01
N HIS A 24 -11.09 -3.19 8.49
CA HIS A 24 -10.98 -4.13 7.36
C HIS A 24 -10.08 -5.31 7.69
N ILE A 25 -9.56 -5.39 8.92
CA ILE A 25 -8.72 -6.52 9.27
C ILE A 25 -9.62 -7.62 9.86
N LEU A 26 -9.36 -8.85 9.43
CA LEU A 26 -10.12 -10.01 9.88
C LEU A 26 -9.14 -11.06 10.34
N PRO A 27 -8.70 -10.97 11.62
CA PRO A 27 -7.63 -11.85 12.12
C PRO A 27 -8.00 -13.33 12.10
N ASP A 28 -9.30 -13.67 12.08
CA ASP A 28 -9.71 -15.07 12.04
C ASP A 28 -9.63 -15.73 10.67
N GLN A 29 -9.50 -14.94 9.60
CA GLN A 29 -9.33 -15.52 8.28
C GLN A 29 -7.85 -15.84 8.01
N VAL A 30 -7.53 -16.60 6.96
CA VAL A 30 -6.14 -16.83 6.57
C VAL A 30 -5.52 -15.52 6.14
N HIS A 31 -6.20 -14.84 5.22
CA HIS A 31 -5.81 -13.52 4.84
C HIS A 31 -6.38 -12.50 5.88
N LEU A 32 -5.48 -11.75 6.52
CA LEU A 32 -5.78 -10.67 7.46
C LEU A 32 -6.52 -9.51 6.78
N ILE A 33 -6.05 -9.16 5.58
CA ILE A 33 -6.59 -7.98 4.92
C ILE A 33 -6.35 -8.05 3.43
N ASN A 34 -7.46 -7.83 2.71
CA ASN A 34 -7.40 -7.50 1.31
C ASN A 34 -8.21 -6.23 1.17
N LEU A 35 -7.62 -5.25 0.52
CA LEU A 35 -8.34 -4.08 0.32
C LEU A 35 -7.80 -3.49 -0.97
N SER A 36 -8.72 -3.15 -1.84
CA SER A 36 -8.39 -2.31 -3.01
C SER A 36 -9.29 -1.10 -2.93
N PHE A 37 -8.71 0.09 -3.05
CA PHE A 37 -9.50 1.32 -3.00
C PHE A 37 -9.14 2.21 -4.18
N LEU A 38 -10.16 2.84 -4.74
CA LEU A 38 -9.95 3.64 -5.95
C LEU A 38 -9.35 4.98 -5.52
N VAL A 39 -8.35 5.48 -6.24
CA VAL A 39 -7.65 6.76 -5.96
C VAL A 39 -7.69 7.67 -7.19
N PRO A 40 -7.50 9.00 -6.98
CA PRO A 40 -7.45 9.87 -8.17
C PRO A 40 -6.09 9.77 -8.86
N THR A 41 -5.89 10.50 -9.96
CA THR A 41 -4.59 10.58 -10.63
C THR A 41 -3.44 10.90 -9.66
N MET A 42 -2.29 10.26 -9.88
CA MET A 42 -1.14 10.43 -9.00
CA MET A 42 -1.08 10.41 -9.09
C MET A 42 -0.64 11.87 -9.06
N ARG A 43 -0.47 12.41 -7.88
CA ARG A 43 0.12 13.71 -7.80
C ARG A 43 1.41 13.58 -7.03
N ARG A 44 2.55 13.91 -7.62
CA ARG A 44 3.80 13.82 -6.88
C ARG A 44 3.82 15.01 -5.94
N GLU A 45 3.98 14.77 -4.64
CA GLU A 45 3.98 15.89 -3.67
C GLU A 45 5.36 16.21 -3.18
N PHE A 46 5.53 17.45 -2.73
CA PHE A 46 6.78 17.79 -2.08
C PHE A 46 6.74 17.26 -0.64
N GLY A 47 7.75 16.48 -0.29
CA GLY A 47 7.73 15.80 0.99
C GLY A 47 9.13 15.60 1.53
N GLY A 48 9.31 14.48 2.25
CA GLY A 48 10.53 14.29 3.05
C GLY A 48 10.37 14.94 4.43
N CYS A 49 10.91 14.32 5.47
CA CYS A 49 10.72 14.83 6.82
C CYS A 49 11.37 16.16 6.96
N ALA A 50 12.56 16.41 6.44
CA ALA A 50 13.16 17.76 6.58
C ALA A 50 12.37 18.77 5.77
N GLY A 51 11.91 18.40 4.56
CA GLY A 51 11.04 19.32 3.80
C GLY A 51 9.81 19.72 4.59
N ASN A 52 9.13 18.74 5.14
CA ASN A 52 7.89 18.96 5.83
C ASN A 52 8.08 19.78 7.09
N ILE A 53 9.10 19.42 7.88
CA ILE A 53 9.27 20.16 9.15
C ILE A 53 9.66 21.58 8.80
N ALA A 54 10.56 21.77 7.82
CA ALA A 54 10.95 23.15 7.44
C ALA A 54 9.81 23.95 6.90
N TYR A 55 8.93 23.32 6.14
CA TYR A 55 7.78 24.01 5.60
C TYR A 55 6.96 24.56 6.75
N ALA A 56 6.70 23.73 7.78
CA ALA A 56 5.90 24.16 8.92
C ALA A 56 6.58 25.28 9.69
N LEU A 57 7.87 25.14 9.97
CA LEU A 57 8.56 26.16 10.77
C LEU A 57 8.54 27.47 9.96
N ASN A 58 8.70 27.38 8.64
CA ASN A 58 8.68 28.58 7.79
C ASN A 58 7.33 29.25 7.78
N LEU A 59 6.25 28.44 7.79
CA LEU A 59 4.87 29.01 7.84
C LEU A 59 4.77 29.91 9.08
N LEU A 60 5.38 29.47 10.17
CA LEU A 60 5.31 30.20 11.46
C LEU A 60 6.20 31.41 11.52
N GLY A 61 7.04 31.58 10.50
CA GLY A 61 8.00 32.67 10.57
C GLY A 61 9.34 32.37 11.19
N GLY A 62 9.64 31.08 11.43
CA GLY A 62 10.95 30.73 11.99
C GLY A 62 11.98 30.62 10.87
N ASP A 63 13.23 30.45 11.27
CA ASP A 63 14.36 30.45 10.35
C ASP A 63 14.84 28.99 10.21
N ALA A 64 14.29 28.36 9.16
CA ALA A 64 14.47 26.91 8.99
C ALA A 64 15.56 26.67 7.99
N ARG A 65 16.58 25.92 8.42
CA ARG A 65 17.72 25.61 7.51
C ARG A 65 17.74 24.11 7.29
N MET A 66 17.17 23.68 6.17
CA MET A 66 17.14 22.23 5.83
C MET A 66 18.51 21.69 5.52
N MET A 67 18.85 20.54 6.07
CA MET A 67 20.08 19.88 5.70
C MET A 67 19.75 18.48 5.23
N GLY A 68 19.98 18.25 3.95
CA GLY A 68 19.58 16.99 3.30
C GLY A 68 20.08 16.97 1.91
N THR A 69 19.99 15.78 1.31
CA THR A 69 20.49 15.61 -0.05
C THR A 69 19.38 15.33 -1.03
N LEU A 70 19.50 15.95 -2.21
CA LEU A 70 18.60 15.67 -3.34
C LEU A 70 19.41 15.12 -4.49
N GLY A 71 18.70 14.60 -5.49
CA GLY A 71 19.44 14.10 -6.66
C GLY A 71 19.32 15.07 -7.83
N ALA A 72 20.43 15.31 -8.55
CA ALA A 72 20.40 16.29 -9.63
C ALA A 72 19.42 15.98 -10.78
N VAL A 73 19.11 14.69 -11.01
CA VAL A 73 18.23 14.34 -12.12
C VAL A 73 16.88 15.04 -11.98
N ASP A 74 16.35 15.13 -10.76
CA ASP A 74 15.00 15.61 -10.60
C ASP A 74 14.79 16.55 -9.41
N ALA A 75 15.89 17.08 -8.90
CA ALA A 75 15.81 18.08 -7.82
C ALA A 75 15.18 19.40 -8.21
N GLN A 76 15.23 19.80 -9.48
CA GLN A 76 14.94 21.21 -9.75
C GLN A 76 13.57 21.76 -9.26
N PRO A 77 12.46 21.02 -9.38
CA PRO A 77 11.17 21.55 -8.93
C PRO A 77 11.23 21.87 -7.41
N TYR A 78 11.95 21.04 -6.66
CA TYR A 78 12.03 21.27 -5.22
C TYR A 78 12.89 22.47 -4.89
N LEU A 79 13.96 22.66 -5.66
CA LEU A 79 14.89 23.77 -5.40
C LEU A 79 14.13 25.06 -5.73
N ASP A 80 13.34 25.01 -6.80
CA ASP A 80 12.58 26.20 -7.22
C ASP A 80 11.51 26.54 -6.17
N ARG A 81 10.88 25.51 -5.61
CA ARG A 81 9.94 25.72 -4.53
C ARG A 81 10.59 26.30 -3.27
N MET A 82 11.76 25.80 -2.88
CA MET A 82 12.47 26.37 -1.75
C MET A 82 12.73 27.86 -1.96
N ASP A 83 13.20 28.20 -3.17
CA ASP A 83 13.45 29.63 -3.44
C ASP A 83 12.15 30.45 -3.37
N ALA A 84 11.05 29.91 -3.89
CA ALA A 84 9.75 30.60 -3.85
C ALA A 84 9.25 30.81 -2.40
N LEU A 85 9.52 29.83 -1.56
CA LEU A 85 9.08 29.89 -0.16
C LEU A 85 10.02 30.68 0.73
N GLY A 86 11.20 31.02 0.25
CA GLY A 86 12.19 31.69 1.08
C GLY A 86 12.95 30.72 2.00
N LEU A 87 12.97 29.43 1.62
CA LEU A 87 13.75 28.43 2.37
C LEU A 87 15.17 28.38 1.89
N SER A 88 16.12 28.63 2.78
CA SER A 88 17.52 28.64 2.45
C SER A 88 17.97 27.28 1.92
N ARG A 89 18.74 27.30 0.84
CA ARG A 89 19.36 26.09 0.30
C ARG A 89 20.81 25.87 0.72
N GLU A 90 21.21 26.63 1.72
CA GLU A 90 22.58 26.62 2.22
C GLU A 90 23.11 25.17 2.45
N TYR A 91 22.26 24.32 3.03
CA TYR A 91 22.68 22.96 3.41
C TYR A 91 21.90 21.92 2.67
N VAL A 92 21.29 22.33 1.55
CA VAL A 92 20.64 21.37 0.64
C VAL A 92 21.67 21.02 -0.43
N ARG A 93 22.16 19.80 -0.39
CA ARG A 93 23.22 19.39 -1.32
C ARG A 93 22.58 18.58 -2.43
N VAL A 94 22.90 18.92 -3.69
CA VAL A 94 22.31 18.25 -4.85
C VAL A 94 23.39 17.39 -5.50
N LEU A 95 23.15 16.09 -5.60
CA LEU A 95 24.20 15.11 -5.99
C LEU A 95 24.04 14.79 -7.46
N PRO A 96 25.10 15.08 -8.27
CA PRO A 96 25.00 14.81 -9.73
C PRO A 96 24.70 13.36 -10.05
N ASP A 97 23.96 13.17 -11.13
CA ASP A 97 23.67 11.82 -11.68
C ASP A 97 22.97 10.88 -10.71
N THR A 98 22.13 11.46 -9.85
CA THR A 98 21.45 10.74 -8.77
C THR A 98 19.98 11.17 -8.81
N TYR A 99 19.11 10.26 -8.41
CA TYR A 99 17.69 10.59 -8.27
C TYR A 99 17.35 10.98 -6.83
N SER A 100 16.47 11.94 -6.67
CA SER A 100 15.97 12.27 -5.33
C SER A 100 15.18 11.11 -4.72
N ALA A 101 15.19 11.04 -3.39
CA ALA A 101 14.32 10.07 -2.69
C ALA A 101 12.84 10.17 -3.09
N GLN A 102 12.16 9.03 -3.12
CA GLN A 102 10.74 8.98 -3.45
C GLN A 102 10.09 8.03 -2.49
N ALA A 103 8.97 8.46 -1.93
CA ALA A 103 8.18 7.64 -1.01
C ALA A 103 6.85 7.25 -1.62
N MET A 104 6.50 5.97 -1.59
CA MET A 104 5.18 5.53 -2.00
C MET A 104 4.45 5.16 -0.77
N ILE A 105 3.47 5.97 -0.38
CA ILE A 105 2.89 5.85 0.94
C ILE A 105 1.43 5.44 0.83
N THR A 106 1.09 4.27 1.35
CA THR A 106 -0.24 3.73 1.40
C THR A 106 -0.72 3.90 2.81
N THR A 107 -1.80 4.61 3.01
CA THR A 107 -2.19 5.01 4.34
C THR A 107 -3.69 5.16 4.48
N ASP A 108 -4.14 5.57 5.66
CA ASP A 108 -5.57 5.65 5.95
C ASP A 108 -5.82 6.91 6.82
N LEU A 109 -7.05 7.09 7.26
CA LEU A 109 -7.38 8.32 8.02
C LEU A 109 -6.85 8.25 9.43
N ASP A 110 -6.34 7.11 9.87
CA ASP A 110 -5.71 6.99 11.19
C ASP A 110 -4.17 7.12 11.04
N ASN A 111 -3.66 7.48 9.87
CA ASN A 111 -2.20 7.69 9.70
C ASN A 111 -1.40 6.41 9.88
N ASN A 112 -2.00 5.29 9.46
CA ASN A 112 -1.30 3.99 9.37
C ASN A 112 -0.47 3.89 8.12
N GLN A 113 0.67 4.61 8.06
CA GLN A 113 1.48 4.72 6.88
C GLN A 113 2.27 3.47 6.66
N ILE A 114 2.04 2.84 5.50
CA ILE A 114 2.85 1.70 5.03
C ILE A 114 3.57 2.16 3.82
N THR A 115 4.85 2.42 3.99
CA THR A 115 5.62 3.13 2.94
C THR A 115 6.70 2.29 2.30
N ALA A 116 6.70 2.30 0.97
CA ALA A 116 7.78 1.75 0.19
C ALA A 116 8.70 2.92 -0.19
N PHE A 117 9.94 2.91 0.29
CA PHE A 117 10.81 4.06 0.13
C PHE A 117 11.94 3.79 -0.86
N HIS A 118 12.14 4.68 -1.84
CA HIS A 118 13.20 4.54 -2.86
C HIS A 118 14.20 5.61 -2.42
N PRO A 119 15.27 5.23 -1.74
CA PRO A 119 16.10 6.27 -1.08
C PRO A 119 16.85 7.22 -1.99
N GLY A 120 17.35 6.73 -3.13
CA GLY A 120 18.16 7.58 -4.03
C GLY A 120 19.23 8.37 -3.29
N ALA A 121 19.29 9.67 -3.57
CA ALA A 121 20.27 10.55 -2.93
C ALA A 121 20.31 10.51 -1.39
N MET A 122 19.20 10.13 -0.76
CA MET A 122 19.15 10.08 0.71
C MET A 122 20.25 9.14 1.21
N MET A 123 20.62 8.12 0.43
CA MET A 123 21.67 7.19 0.89
C MET A 123 23.05 7.83 1.11
N GLN A 124 23.27 8.95 0.47
CA GLN A 124 24.52 9.69 0.64
C GLN A 124 24.33 10.92 1.54
N SER A 125 23.26 10.94 2.34
CA SER A 125 23.00 12.14 3.17
C SER A 125 24.16 12.50 4.09
N HIS A 126 24.99 11.52 4.43
CA HIS A 126 26.16 11.75 5.32
C HIS A 126 27.20 12.68 4.76
N VAL A 127 27.14 13.01 3.48
CA VAL A 127 28.09 13.96 2.93
C VAL A 127 27.94 15.34 3.54
N ASN A 128 26.70 15.65 4.02
CA ASN A 128 26.45 16.85 4.83
C ASN A 128 26.75 16.56 6.28
N HIS A 129 27.54 17.43 6.88
CA HIS A 129 27.86 17.33 8.27
C HIS A 129 27.19 18.46 9.07
N ALA A 130 26.36 18.10 10.04
CA ALA A 130 25.73 19.12 10.91
C ALA A 130 26.79 19.98 11.57
N GLY A 131 27.93 19.37 11.87
CA GLY A 131 29.06 20.11 12.52
C GLY A 131 29.63 21.24 11.67
N GLU A 132 29.32 21.22 10.38
CA GLU A 132 29.74 22.30 9.46
C GLU A 132 28.75 23.47 9.34
N ALA A 133 27.54 23.31 9.90
CA ALA A 133 26.60 24.39 9.84
C ALA A 133 26.99 25.44 10.87
N LYS A 134 26.50 26.66 10.64
CA LYS A 134 26.88 27.80 11.49
C LYS A 134 25.70 28.45 12.16
N ASP A 135 25.93 28.93 13.39
CA ASP A 135 24.93 29.72 14.11
C ASP A 135 23.57 29.03 14.22
N ILE A 136 23.64 27.84 14.76
CA ILE A 136 22.45 27.00 14.97
C ILE A 136 22.14 26.96 16.46
N LYS A 137 20.93 27.36 16.82
CA LYS A 137 20.55 27.37 18.22
C LYS A 137 19.70 26.18 18.64
N LEU A 138 19.19 25.46 17.63
CA LEU A 138 18.28 24.33 17.90
C LEU A 138 18.31 23.48 16.65
N ALA A 139 18.16 22.16 16.81
CA ALA A 139 18.12 21.32 15.63
C ALA A 139 17.13 20.18 15.82
N ILE A 140 16.83 19.52 14.69
CA ILE A 140 16.15 18.22 14.74
C ILE A 140 16.86 17.24 13.80
N VAL A 141 16.96 15.98 14.24
CA VAL A 141 17.55 14.92 13.39
C VAL A 141 16.41 13.95 13.13
N GLY A 142 15.92 14.01 11.90
CA GLY A 142 14.80 13.14 11.51
C GLY A 142 15.25 12.01 10.60
N PRO A 143 14.28 11.22 10.12
CA PRO A 143 14.59 10.05 9.29
C PRO A 143 15.45 10.43 8.11
N ASP A 144 16.44 9.62 7.80
CA ASP A 144 17.47 9.97 6.82
C ASP A 144 18.27 8.70 6.57
N GLY A 145 19.30 8.84 5.74
CA GLY A 145 20.32 7.79 5.66
C GLY A 145 20.88 7.47 7.03
N PHE A 146 21.13 6.21 7.30
CA PHE A 146 21.60 5.81 8.63
C PHE A 146 22.85 6.54 9.14
N GLN A 147 23.92 6.49 8.36
CA GLN A 147 25.21 7.11 8.71
C GLN A 147 24.99 8.57 9.00
N GLY A 148 24.17 9.24 8.18
CA GLY A 148 23.87 10.64 8.38
C GLY A 148 23.17 10.89 9.69
N MET A 149 22.15 10.10 9.98
CA MET A 149 21.43 10.32 11.25
C MET A 149 22.41 10.25 12.43
N VAL A 150 23.22 9.20 12.48
CA VAL A 150 24.10 8.99 13.61
C VAL A 150 25.13 10.13 13.65
N GLN A 151 25.73 10.43 12.52
CA GLN A 151 26.73 11.48 12.45
C GLN A 151 26.15 12.85 12.87
N HIS A 152 24.90 13.14 12.47
CA HIS A 152 24.32 14.41 12.88
C HIS A 152 24.14 14.47 14.40
N THR A 153 23.64 13.39 14.99
CA THR A 153 23.46 13.31 16.42
CA THR A 153 23.48 13.37 16.46
C THR A 153 24.80 13.56 17.15
N GLU A 154 25.88 12.93 16.63
CA GLU A 154 27.18 13.00 17.35
C GLU A 154 27.72 14.42 17.23
N GLU A 155 27.59 15.01 16.05
CA GLU A 155 28.16 16.37 15.83
C GLU A 155 27.39 17.45 16.55
N LEU A 156 26.07 17.34 16.59
CA LEU A 156 25.29 18.31 17.36
C LEU A 156 25.56 18.18 18.87
N ALA A 157 25.68 16.95 19.35
CA ALA A 157 25.97 16.74 20.78
C ALA A 157 27.35 17.26 21.14
N GLN A 158 28.32 17.05 20.26
CA GLN A 158 29.66 17.55 20.56
C GLN A 158 29.69 19.07 20.69
N ALA A 159 28.86 19.76 19.91
CA ALA A 159 28.80 21.23 19.96
C ALA A 159 27.92 21.76 21.07
N GLY A 160 27.16 20.88 21.71
CA GLY A 160 26.22 21.30 22.73
C GLY A 160 24.98 22.00 22.21
N VAL A 161 24.62 21.74 20.95
CA VAL A 161 23.41 22.35 20.40
C VAL A 161 22.21 21.50 20.81
N PRO A 162 21.17 22.09 21.42
CA PRO A 162 19.96 21.27 21.80
C PRO A 162 19.28 20.73 20.53
N PHE A 163 18.90 19.46 20.58
CA PHE A 163 18.28 18.88 19.38
C PHE A 163 17.29 17.82 19.75
N ILE A 164 16.22 17.79 18.94
CA ILE A 164 15.23 16.72 18.97
C ILE A 164 15.72 15.56 18.12
N PHE A 165 15.75 14.38 18.71
CA PHE A 165 16.00 13.16 17.97
C PHE A 165 14.66 12.60 17.58
N ASP A 166 14.48 12.36 16.26
CA ASP A 166 13.16 12.05 15.66
C ASP A 166 13.40 10.86 14.72
N PRO A 167 13.56 9.66 15.28
CA PRO A 167 14.02 8.54 14.41
C PRO A 167 12.96 8.09 13.41
N GLY A 168 11.67 8.18 13.80
CA GLY A 168 10.55 7.89 12.91
C GLY A 168 10.75 6.67 12.06
N GLN A 169 10.57 6.87 10.76
CA GLN A 169 10.66 5.76 9.75
C GLN A 169 12.03 5.12 9.67
N GLY A 170 13.05 5.83 10.17
CA GLY A 170 14.41 5.29 10.19
C GLY A 170 14.67 4.35 11.35
N LEU A 171 13.69 4.12 12.24
CA LEU A 171 13.93 3.25 13.42
CA LEU A 171 13.94 3.29 13.43
C LEU A 171 14.49 1.87 13.12
N PRO A 172 14.03 1.21 12.04
CA PRO A 172 14.60 -0.10 11.72
C PRO A 172 16.12 -0.14 11.51
N LEU A 173 16.70 1.00 11.18
CA LEU A 173 18.11 1.09 10.89
C LEU A 173 18.98 1.00 12.15
N PHE A 174 18.34 1.24 13.29
CA PHE A 174 19.01 1.27 14.60
C PHE A 174 18.96 -0.04 15.30
N ASP A 175 20.06 -0.40 15.92
CA ASP A 175 20.01 -1.47 16.89
C ASP A 175 19.88 -0.88 18.28
N GLY A 176 19.79 -1.77 19.27
CA GLY A 176 19.60 -1.30 20.66
C GLY A 176 20.70 -0.35 21.08
N ALA A 177 21.96 -0.70 20.84
CA ALA A 177 23.04 0.09 21.34
C ALA A 177 23.12 1.46 20.69
N THR A 178 22.87 1.51 19.40
CA THR A 178 22.91 2.78 18.68
CA THR A 178 22.93 2.83 18.74
C THR A 178 21.72 3.68 19.06
N LEU A 179 20.58 3.06 19.25
CA LEU A 179 19.37 3.78 19.69
C LEU A 179 19.54 4.34 21.11
N ARG A 180 20.05 3.50 22.01
CA ARG A 180 20.34 4.02 23.34
C ARG A 180 21.31 5.20 23.36
N ARG A 181 22.40 5.07 22.57
CA ARG A 181 23.37 6.14 22.55
C ARG A 181 22.73 7.43 22.01
N SER A 182 21.90 7.29 20.95
CA SER A 182 21.28 8.48 20.33
C SER A 182 20.41 9.20 21.36
N ILE A 183 19.66 8.42 22.15
CA ILE A 183 18.80 9.02 23.16
C ILE A 183 19.61 9.68 24.30
N GLU A 184 20.70 9.03 24.70
CA GLU A 184 21.61 9.68 25.66
C GLU A 184 22.11 11.02 25.12
N LEU A 185 22.49 11.06 23.85
CA LEU A 185 23.01 12.31 23.31
C LEU A 185 21.96 13.41 23.15
N ALA A 186 20.73 13.01 22.80
CA ALA A 186 19.68 13.94 22.42
C ALA A 186 19.14 14.75 23.59
N THR A 187 18.68 15.95 23.31
CA THR A 187 18.03 16.78 24.33
C THR A 187 16.57 16.43 24.45
N TYR A 188 15.96 16.02 23.33
CA TYR A 188 14.53 15.71 23.34
C TYR A 188 14.33 14.59 22.36
N ILE A 189 13.29 13.78 22.57
CA ILE A 189 12.96 12.72 21.58
C ILE A 189 11.51 12.91 21.23
N ALA A 190 11.18 12.89 19.94
CA ALA A 190 9.78 12.95 19.52
C ALA A 190 9.45 11.71 18.69
N VAL A 191 8.32 11.09 19.02
CA VAL A 191 7.86 9.85 18.35
C VAL A 191 6.37 9.83 18.38
N ASN A 192 5.77 9.09 17.46
CA ASN A 192 4.34 8.78 17.66
C ASN A 192 4.19 7.58 18.60
N ASP A 193 2.95 7.26 18.99
CA ASP A 193 2.78 6.21 20.03
C ASP A 193 3.25 4.81 19.60
N TYR A 194 3.09 4.50 18.32
CA TYR A 194 3.53 3.22 17.76
C TYR A 194 5.05 3.19 17.81
N GLU A 195 5.71 4.23 17.30
CA GLU A 195 7.13 4.27 17.34
C GLU A 195 7.67 4.29 18.76
N ALA A 196 6.95 4.94 19.70
CA ALA A 196 7.40 4.96 21.07
C ALA A 196 7.44 3.58 21.64
N LYS A 197 6.47 2.75 21.30
CA LYS A 197 6.49 1.37 21.77
C LYS A 197 7.70 0.63 21.18
N LEU A 198 8.01 0.86 19.88
CA LEU A 198 9.14 0.22 19.22
C LEU A 198 10.45 0.70 19.88
N VAL A 199 10.52 1.97 20.33
CA VAL A 199 11.75 2.50 20.92
C VAL A 199 11.94 1.82 22.30
N CYS A 200 10.87 1.70 23.06
CA CYS A 200 11.01 1.00 24.35
C CYS A 200 11.46 -0.45 24.14
N ASP A 201 10.90 -1.11 23.13
CA ASP A 201 11.25 -2.54 22.91
C ASP A 201 12.69 -2.64 22.47
N LYS A 202 13.15 -1.74 21.61
CA LYS A 202 14.48 -1.90 21.03
C LYS A 202 15.56 -1.50 22.05
N THR A 203 15.32 -0.44 22.81
CA THR A 203 16.28 -0.03 23.88
C THR A 203 16.18 -0.89 25.11
N GLY A 204 15.03 -1.46 25.37
CA GLY A 204 14.78 -2.12 26.66
C GLY A 204 14.41 -1.16 27.78
N TRP A 205 14.39 0.14 27.52
CA TRP A 205 14.07 1.11 28.54
C TRP A 205 12.57 1.35 28.59
N SER A 206 12.06 1.60 29.80
CA SER A 206 10.71 2.12 29.92
C SER A 206 10.63 3.58 29.48
N GLU A 207 9.40 4.06 29.31
CA GLU A 207 9.22 5.47 29.04
C GLU A 207 9.82 6.34 30.17
N ASP A 208 9.64 5.92 31.44
CA ASP A 208 10.27 6.65 32.55
C ASP A 208 11.82 6.72 32.42
N GLU A 209 12.41 5.62 32.02
CA GLU A 209 13.87 5.58 31.86
C GLU A 209 14.34 6.44 30.71
N ILE A 210 13.54 6.51 29.64
CA ILE A 210 13.89 7.40 28.51
C ILE A 210 13.77 8.84 28.99
N ALA A 211 12.69 9.16 29.71
CA ALA A 211 12.51 10.51 30.22
C ALA A 211 13.61 10.95 31.21
N SER A 212 14.29 9.99 31.84
CA SER A 212 15.44 10.32 32.70
C SER A 212 16.71 10.69 31.91
N ARG A 213 16.65 10.51 30.56
CA ARG A 213 17.81 10.70 29.75
C ARG A 213 17.61 11.78 28.71
N VAL A 214 16.46 12.47 28.75
CA VAL A 214 16.21 13.64 27.88
C VAL A 214 15.52 14.70 28.69
N GLN A 215 15.45 15.91 28.15
CA GLN A 215 14.64 16.99 28.78
C GLN A 215 13.16 16.75 28.52
N ALA A 216 12.80 16.09 27.42
CA ALA A 216 11.40 15.85 27.09
C ALA A 216 11.28 14.66 26.14
N LEU A 217 10.33 13.80 26.44
CA LEU A 217 9.93 12.68 25.56
C LEU A 217 8.54 13.04 25.09
N ILE A 218 8.44 13.36 23.79
CA ILE A 218 7.17 13.86 23.21
C ILE A 218 6.60 12.68 22.41
N ILE A 219 5.40 12.25 22.78
CA ILE A 219 4.73 11.14 22.13
C ILE A 219 3.41 11.63 21.52
N THR A 220 3.33 11.57 20.22
CA THR A 220 2.06 12.02 19.58
C THR A 220 1.10 10.85 19.39
N ARG A 221 -0.18 11.19 19.44
CA ARG A 221 -1.22 10.19 19.55
C ARG A 221 -2.39 10.47 18.63
N GLY A 222 -2.05 10.98 17.45
CA GLY A 222 -3.07 11.19 16.41
C GLY A 222 -4.19 12.08 16.91
N GLU A 223 -5.43 11.64 16.68
CA GLU A 223 -6.61 12.45 17.08
C GLU A 223 -6.71 12.68 18.60
N HIS A 224 -5.94 11.90 19.36
CA HIS A 224 -5.99 12.09 20.79
CA HIS A 224 -5.92 11.97 20.81
C HIS A 224 -5.01 13.10 21.33
N GLY A 225 -4.24 13.75 20.47
CA GLY A 225 -3.34 14.81 20.94
C GLY A 225 -1.91 14.26 21.11
N ALA A 226 -1.31 14.63 22.24
CA ALA A 226 0.10 14.24 22.48
C ALA A 226 0.36 14.30 23.95
N THR A 227 1.47 13.71 24.36
CA THR A 227 1.96 13.78 25.73
CA THR A 227 1.94 13.83 25.73
C THR A 227 3.38 14.29 25.71
N ILE A 228 3.75 15.13 26.66
CA ILE A 228 5.15 15.56 26.78
C ILE A 228 5.63 15.13 28.17
N ARG A 229 6.53 14.14 28.22
CA ARG A 229 6.94 13.49 29.49
C ARG A 229 8.33 13.95 29.88
N HIS A 230 8.47 14.27 31.16
CA HIS A 230 9.76 14.66 31.74
C HIS A 230 10.04 13.77 32.92
N ARG A 231 11.25 13.89 33.49
CA ARG A 231 11.60 13.01 34.60
C ARG A 231 10.67 13.27 35.81
N ASP A 232 10.08 14.47 35.90
CA ASP A 232 9.30 14.89 37.08
C ASP A 232 7.86 15.33 36.81
N GLY A 233 7.31 14.97 35.66
CA GLY A 233 5.93 15.30 35.34
C GLY A 233 5.66 15.23 33.86
N THR A 234 4.41 15.47 33.50
CA THR A 234 3.91 15.22 32.14
C THR A 234 2.90 16.30 31.76
N GLU A 235 2.96 16.82 30.54
CA GLU A 235 1.88 17.70 30.05
C GLU A 235 1.02 16.88 29.08
N GLN A 236 -0.29 16.90 29.24
CA GLN A 236 -1.18 16.33 28.25
C GLN A 236 -1.57 17.43 27.29
N ILE A 237 -1.34 17.20 26.02
CA ILE A 237 -1.62 18.21 25.00
C ILE A 237 -2.86 17.76 24.23
N PRO A 238 -3.92 18.55 24.23
CA PRO A 238 -5.15 18.17 23.52
C PRO A 238 -5.01 18.32 22.02
N ALA A 239 -5.73 17.51 21.26
CA ALA A 239 -5.82 17.76 19.81
C ALA A 239 -6.71 18.96 19.54
N VAL A 240 -6.46 19.64 18.44
CA VAL A 240 -7.41 20.61 17.90
C VAL A 240 -8.33 19.88 16.96
N ARG A 241 -9.62 20.21 17.00
CA ARG A 241 -10.59 19.57 16.12
C ARG A 241 -10.26 20.01 14.66
N ALA A 242 -10.05 19.04 13.80
CA ALA A 242 -9.76 19.36 12.40
C ALA A 242 -11.01 19.87 11.69
N GLU A 243 -10.79 20.83 10.80
CA GLU A 243 -11.84 21.30 9.92
C GLU A 243 -12.45 20.15 9.12
N ARG A 244 -11.57 19.30 8.58
CA ARG A 244 -11.91 18.06 7.92
C ARG A 244 -10.70 17.16 8.12
N VAL A 245 -10.93 15.85 8.04
CA VAL A 245 -9.85 14.84 8.10
C VAL A 245 -9.70 14.26 6.69
N ILE A 246 -8.68 14.75 5.98
CA ILE A 246 -8.46 14.36 4.60
C ILE A 246 -7.24 13.46 4.44
N ASP A 247 -6.13 13.85 5.05
CA ASP A 247 -4.89 13.11 4.85
C ASP A 247 -3.96 13.42 6.01
N PRO A 248 -3.67 12.41 6.83
CA PRO A 248 -2.77 12.70 7.97
C PRO A 248 -1.28 12.63 7.64
N THR A 249 -0.94 12.38 6.37
CA THR A 249 0.48 12.19 6.05
C THR A 249 1.23 13.51 6.23
N GLY A 250 2.19 13.51 7.12
CA GLY A 250 2.91 14.76 7.42
C GLY A 250 2.43 15.42 8.67
N CYS A 251 1.40 14.85 9.35
CA CYS A 251 0.94 15.53 10.60
C CYS A 251 2.03 15.66 11.65
N GLY A 252 2.80 14.59 11.86
CA GLY A 252 3.85 14.67 12.86
C GLY A 252 4.91 15.70 12.49
N ASP A 253 5.19 15.88 11.18
CA ASP A 253 6.20 16.84 10.82
C ASP A 253 5.69 18.26 10.98
N ALA A 254 4.40 18.47 10.70
CA ALA A 254 3.81 19.81 10.97
C ALA A 254 3.86 20.11 12.47
N PHE A 255 3.53 19.09 13.25
CA PHE A 255 3.61 19.16 14.71
C PHE A 255 5.04 19.49 15.16
N ARG A 256 6.05 18.82 14.56
CA ARG A 256 7.43 19.10 14.97
C ARG A 256 7.85 20.52 14.61
N GLY A 257 7.40 21.03 13.45
CA GLY A 257 7.73 22.43 13.15
C GLY A 257 7.12 23.40 14.17
N GLY A 258 5.88 23.18 14.59
CA GLY A 258 5.31 24.02 15.67
C GLY A 258 6.08 23.87 16.97
N LEU A 259 6.51 22.64 17.32
CA LEU A 259 7.23 22.43 18.53
C LEU A 259 8.54 23.17 18.54
N LEU A 260 9.25 23.04 17.43
CA LEU A 260 10.52 23.75 17.24
C LEU A 260 10.37 25.23 17.37
N TYR A 261 9.32 25.79 16.77
CA TYR A 261 9.11 27.24 16.91
C TYR A 261 8.90 27.58 18.38
N GLY A 262 8.09 26.80 19.10
CA GLY A 262 7.82 27.12 20.51
C GLY A 262 9.07 27.03 21.35
N ILE A 263 9.90 25.99 21.15
CA ILE A 263 11.13 25.86 21.93
C ILE A 263 12.02 27.08 21.66
N GLU A 264 12.19 27.44 20.39
CA GLU A 264 13.07 28.60 20.05
C GLU A 264 12.56 29.89 20.70
N HIS A 265 11.23 30.06 20.78
CA HIS A 265 10.66 31.33 21.24
C HIS A 265 10.38 31.34 22.73
N GLY A 266 10.88 30.31 23.42
CA GLY A 266 10.75 30.22 24.89
C GLY A 266 9.34 29.98 25.37
N PHE A 267 8.51 29.34 24.55
CA PHE A 267 7.17 28.99 25.05
C PHE A 267 7.32 27.91 26.10
N ASP A 268 6.40 27.83 27.06
CA ASP A 268 6.44 26.71 27.96
C ASP A 268 5.97 25.46 27.20
N TRP A 269 6.16 24.29 27.80
CA TRP A 269 5.77 23.05 27.08
C TRP A 269 4.29 23.01 26.75
N ALA A 270 3.44 23.44 27.68
CA ALA A 270 2.01 23.43 27.39
C ALA A 270 1.66 24.21 26.10
N THR A 271 2.30 25.36 25.93
CA THR A 271 2.06 26.25 24.80
C THR A 271 2.77 25.77 23.52
N ALA A 272 4.03 25.37 23.66
CA ALA A 272 4.75 24.78 22.48
C ALA A 272 4.01 23.55 21.99
N GLY A 273 3.59 22.71 22.92
CA GLY A 273 2.80 21.50 22.54
C GLY A 273 1.49 21.86 21.84
N ARG A 274 0.76 22.86 22.37
CA ARG A 274 -0.48 23.30 21.73
C ARG A 274 -0.25 23.89 20.33
N LEU A 275 0.85 24.65 20.14
CA LEU A 275 1.11 25.15 18.79
C LEU A 275 1.36 23.97 17.83
N ALA A 276 2.13 23.04 18.30
CA ALA A 276 2.42 21.81 17.53
C ALA A 276 1.13 21.08 17.17
N SER A 277 0.23 20.93 18.16
CA SER A 277 -1.04 20.27 17.93
C SER A 277 -1.86 20.98 16.90
N LEU A 278 -1.89 22.32 16.98
CA LEU A 278 -2.61 23.08 15.97
C LEU A 278 -2.04 22.88 14.55
N MET A 279 -0.71 22.84 14.42
CA MET A 279 -0.13 22.68 13.09
C MET A 279 -0.55 21.33 12.53
N GLY A 280 -0.59 20.30 13.39
CA GLY A 280 -1.04 19.00 12.93
C GLY A 280 -2.48 18.99 12.42
N ALA A 281 -3.36 19.70 13.14
CA ALA A 281 -4.77 19.79 12.75
C ALA A 281 -4.98 20.64 11.47
N LEU A 282 -4.16 21.66 11.28
CA LEU A 282 -4.19 22.42 10.02
C LEU A 282 -3.76 21.53 8.85
N LYS A 283 -2.77 20.67 9.08
CA LYS A 283 -2.21 19.90 7.99
C LYS A 283 -3.25 18.89 7.54
N ILE A 284 -3.95 18.26 8.49
CA ILE A 284 -4.77 17.09 8.14
C ILE A 284 -5.96 17.41 7.25
N ALA A 285 -6.30 18.70 7.20
CA ALA A 285 -7.44 19.16 6.43
C ALA A 285 -7.14 19.24 4.93
N HIS A 286 -5.94 18.86 4.52
CA HIS A 286 -5.56 18.95 3.08
C HIS A 286 -4.72 17.75 2.68
N GLN A 287 -4.92 17.32 1.44
CA GLN A 287 -4.20 16.19 0.88
C GLN A 287 -2.76 16.57 0.56
N GLY A 288 -1.82 15.78 1.09
CA GLY A 288 -0.38 15.99 0.86
C GLY A 288 0.26 16.73 2.02
N PRO A 289 1.56 16.54 2.25
CA PRO A 289 2.15 16.99 3.54
C PRO A 289 2.32 18.49 3.65
N GLN A 290 2.40 19.19 2.51
CA GLN A 290 2.65 20.63 2.54
C GLN A 290 1.56 21.45 1.83
N THR A 291 0.38 20.87 1.65
CA THR A 291 -0.67 21.54 0.85
C THR A 291 -1.31 22.63 1.69
N TYR A 292 -1.47 22.40 2.98
CA TYR A 292 -2.04 23.45 3.83
C TYR A 292 -1.12 24.64 3.75
N ALA A 293 -1.72 25.84 3.74
CA ALA A 293 -0.91 27.04 3.56
C ALA A 293 -1.50 28.23 4.30
N PRO A 294 -1.64 28.11 5.62
CA PRO A 294 -2.15 29.24 6.39
C PRO A 294 -1.15 30.37 6.45
N THR A 295 -1.65 31.62 6.53
CA THR A 295 -0.75 32.70 6.86
C THR A 295 -0.44 32.74 8.36
N ARG A 296 0.59 33.49 8.78
CA ARG A 296 0.91 33.60 10.22
C ARG A 296 -0.30 34.17 11.00
N ALA A 297 -0.95 35.17 10.44
CA ALA A 297 -2.18 35.71 11.06
C ALA A 297 -3.28 34.68 11.28
N GLU A 298 -3.50 33.82 10.28
CA GLU A 298 -4.49 32.76 10.39
C GLU A 298 -4.10 31.75 11.46
N ILE A 299 -2.81 31.41 11.53
CA ILE A 299 -2.39 30.47 12.59
C ILE A 299 -2.65 31.08 13.99
N ASP A 300 -2.31 32.35 14.17
CA ASP A 300 -2.53 33.01 15.47
C ASP A 300 -4.00 33.05 15.85
N ALA A 301 -4.87 33.39 14.88
CA ALA A 301 -6.30 33.38 15.10
C ALA A 301 -6.83 32.00 15.48
N ARG A 302 -6.37 30.97 14.74
CA ARG A 302 -6.83 29.63 15.01
C ARG A 302 -6.36 29.12 16.39
N PHE A 303 -5.17 29.55 16.82
CA PHE A 303 -4.63 29.17 18.13
C PHE A 303 -5.57 29.77 19.20
N GLU A 304 -5.89 31.05 19.05
CA GLU A 304 -6.80 31.70 20.04
C GLU A 304 -8.16 31.01 20.04
N THR A 305 -8.72 30.72 18.87
CA THR A 305 -10.00 30.03 18.77
C THR A 305 -9.94 28.64 19.46
N ALA A 306 -8.85 27.90 19.25
CA ALA A 306 -8.79 26.55 19.79
C ALA A 306 -8.55 26.53 21.28
N PHE A 307 -7.80 27.50 21.77
CA PHE A 307 -7.21 27.36 23.12
C PHE A 307 -7.59 28.48 24.10
N GLY A 308 -8.16 29.55 23.58
CA GLY A 308 -8.64 30.65 24.45
C GLY A 308 -7.57 31.57 24.99
N TYR A 309 -6.34 31.52 24.44
CA TYR A 309 -5.30 32.47 24.77
C TYR A 309 -4.34 32.59 23.61
N ARG A 310 -3.45 33.57 23.73
CA ARG A 310 -2.41 33.84 22.75
C ARG A 310 -1.05 33.49 23.34
N PRO A 311 -0.19 32.82 22.56
CA PRO A 311 1.12 32.42 23.07
C PRO A 311 2.02 33.61 23.48
N LYS A 312 3.17 33.30 24.06
CA LYS A 312 4.12 34.31 24.51
C LYS A 312 5.33 33.54 25.01
N ALA B 2 -12.95 -21.55 -26.92
CA ALA B 2 -12.46 -20.23 -26.45
C ALA B 2 -13.10 -19.91 -25.12
N THR B 3 -12.30 -19.36 -24.20
CA THR B 3 -12.79 -19.01 -22.87
C THR B 3 -12.66 -17.49 -22.69
N LEU B 4 -13.78 -16.84 -22.37
CA LEU B 4 -13.81 -15.37 -22.30
C LEU B 4 -13.39 -14.95 -20.91
N ILE B 5 -12.37 -14.07 -20.86
CA ILE B 5 -11.83 -13.67 -19.55
C ILE B 5 -12.14 -12.19 -19.34
N CYS B 6 -13.17 -11.91 -18.55
CA CYS B 6 -13.60 -10.51 -18.34
C CYS B 6 -13.00 -9.98 -17.06
N GLY B 7 -12.28 -8.89 -17.14
CA GLY B 7 -11.72 -8.35 -15.90
C GLY B 7 -10.76 -7.23 -16.24
N SER B 8 -10.14 -6.69 -15.20
CA SER B 8 -9.20 -5.58 -15.40
C SER B 8 -7.98 -5.98 -16.22
N ILE B 9 -7.41 -4.99 -16.92
CA ILE B 9 -6.12 -5.16 -17.60
C ILE B 9 -5.32 -3.95 -17.13
N ALA B 10 -4.21 -4.19 -16.44
CA ALA B 10 -3.57 -3.11 -15.65
C ALA B 10 -2.10 -3.27 -15.58
N TYR B 11 -1.42 -2.15 -15.29
CA TYR B 11 -0.01 -2.20 -14.93
C TYR B 11 0.11 -2.14 -13.42
N ASP B 12 0.91 -3.07 -12.88
CA ASP B 12 1.05 -3.23 -11.45
C ASP B 12 2.38 -2.68 -10.94
N ASN B 13 2.34 -1.93 -9.85
CA ASN B 13 3.58 -1.55 -9.13
C ASN B 13 3.47 -2.23 -7.80
N ILE B 14 4.30 -3.27 -7.63
CA ILE B 14 4.19 -4.14 -6.47
C ILE B 14 5.33 -3.85 -5.48
N MET B 15 4.90 -3.58 -4.26
CA MET B 15 5.82 -3.26 -3.19
C MET B 15 5.69 -4.35 -2.16
N THR B 16 6.74 -5.18 -2.10
CA THR B 16 6.76 -6.41 -1.30
C THR B 16 7.35 -6.15 0.07
N PHE B 17 6.51 -6.20 1.10
CA PHE B 17 7.06 -6.11 2.50
C PHE B 17 7.52 -7.49 2.81
N GLU B 18 8.82 -7.58 3.13
CA GLU B 18 9.41 -8.92 3.42
C GLU B 18 9.16 -9.28 4.86
N GLY B 19 7.93 -9.71 5.12
CA GLY B 19 7.46 -9.95 6.48
C GLY B 19 5.99 -10.18 6.46
N ARG B 20 5.37 -10.12 7.62
CA ARG B 20 3.96 -10.40 7.82
C ARG B 20 3.36 -9.23 8.54
N PHE B 21 2.34 -8.60 7.95
CA PHE B 21 1.63 -7.50 8.67
C PHE B 21 1.14 -7.88 10.06
N ARG B 22 0.74 -9.14 10.29
CA ARG B 22 0.28 -9.53 11.59
C ARG B 22 1.31 -9.30 12.70
N GLU B 23 2.60 -9.31 12.34
CA GLU B 23 3.67 -9.15 13.32
C GLU B 23 3.91 -7.69 13.64
N HIS B 24 3.14 -6.80 12.99
CA HIS B 24 3.44 -5.33 13.13
C HIS B 24 2.20 -4.55 13.48
N ILE B 25 1.09 -5.23 13.78
CA ILE B 25 -0.13 -4.54 14.23
C ILE B 25 -0.14 -4.44 15.73
N LEU B 26 -0.37 -3.20 16.21
CA LEU B 26 -0.41 -2.90 17.64
C LEU B 26 -1.79 -2.25 17.93
N PRO B 27 -2.82 -3.05 18.15
CA PRO B 27 -4.15 -2.47 18.29
C PRO B 27 -4.29 -1.52 19.48
N ASP B 28 -3.43 -1.62 20.48
CA ASP B 28 -3.60 -0.74 21.64
C ASP B 28 -3.09 0.68 21.42
N GLN B 29 -2.39 0.88 20.30
CA GLN B 29 -1.88 2.21 19.99
C GLN B 29 -2.92 2.91 19.12
N VAL B 30 -2.83 4.23 19.04
CA VAL B 30 -3.76 4.91 18.08
C VAL B 30 -3.38 4.56 16.63
N HIS B 31 -2.09 4.51 16.36
CA HIS B 31 -1.60 4.04 15.06
C HIS B 31 -1.50 2.51 15.17
N LEU B 32 -2.34 1.82 14.40
CA LEU B 32 -2.32 0.36 14.34
C LEU B 32 -1.04 -0.21 13.72
N ILE B 33 -0.51 0.42 12.68
CA ILE B 33 0.66 -0.08 11.97
C ILE B 33 1.37 1.05 11.28
N ASN B 34 2.70 1.09 11.38
CA ASN B 34 3.51 1.98 10.60
C ASN B 34 4.62 1.09 10.06
N LEU B 35 4.86 1.12 8.75
CA LEU B 35 6.04 0.45 8.20
C LEU B 35 6.70 1.39 7.20
N SER B 36 8.02 1.30 7.03
CA SER B 36 8.69 2.00 5.95
C SER B 36 9.85 1.10 5.60
N PHE B 37 9.82 0.61 4.37
CA PHE B 37 10.77 -0.42 3.94
C PHE B 37 11.36 -0.03 2.59
N LEU B 38 12.61 -0.41 2.36
CA LEU B 38 13.28 -0.05 1.10
C LEU B 38 12.77 -0.88 -0.06
N VAL B 39 12.62 -0.20 -1.18
CA VAL B 39 12.25 -0.88 -2.43
C VAL B 39 13.17 -0.43 -3.55
N PRO B 40 13.35 -1.28 -4.58
CA PRO B 40 14.13 -0.87 -5.74
C PRO B 40 13.38 0.03 -6.68
N THR B 41 14.04 0.38 -7.79
CA THR B 41 13.49 1.23 -8.81
C THR B 41 12.09 0.70 -9.23
N MET B 42 11.12 1.63 -9.33
CA MET B 42 9.76 1.33 -9.81
CA MET B 42 9.76 1.35 -9.82
C MET B 42 9.84 0.62 -11.15
N ARG B 43 9.12 -0.49 -11.25
CA ARG B 43 9.04 -1.22 -12.51
C ARG B 43 7.62 -1.67 -12.69
N ARG B 44 7.02 -1.30 -13.81
CA ARG B 44 5.66 -1.75 -14.02
CA ARG B 44 5.65 -1.68 -14.22
C ARG B 44 5.59 -3.16 -14.59
N GLU B 45 4.73 -3.94 -13.99
CA GLU B 45 4.58 -5.35 -14.34
C GLU B 45 3.23 -5.46 -15.04
N PHE B 46 3.13 -6.43 -15.92
CA PHE B 46 1.86 -6.70 -16.55
C PHE B 46 0.89 -7.40 -15.60
N GLY B 47 -0.32 -6.83 -15.47
CA GLY B 47 -1.24 -7.27 -14.44
C GLY B 47 -2.67 -7.04 -14.86
N GLY B 48 -3.52 -6.90 -13.86
CA GLY B 48 -4.98 -6.88 -14.06
C GLY B 48 -5.47 -8.31 -14.05
N CYS B 49 -6.63 -8.51 -13.49
CA CYS B 49 -7.17 -9.86 -13.30
CA CYS B 49 -7.09 -9.89 -13.30
C CYS B 49 -7.37 -10.61 -14.62
N ALA B 50 -7.88 -9.90 -15.64
CA ALA B 50 -8.07 -10.60 -16.92
C ALA B 50 -6.74 -10.94 -17.54
N GLY B 51 -5.76 -10.05 -17.46
CA GLY B 51 -4.44 -10.34 -18.04
C GLY B 51 -3.87 -11.57 -17.32
N ASN B 52 -3.94 -11.55 -15.99
CA ASN B 52 -3.32 -12.65 -15.21
C ASN B 52 -3.98 -14.00 -15.47
N ILE B 53 -5.30 -14.00 -15.49
CA ILE B 53 -6.02 -15.27 -15.64
C ILE B 53 -5.78 -15.78 -17.05
N ALA B 54 -5.86 -14.88 -18.04
CA ALA B 54 -5.60 -15.32 -19.42
C ALA B 54 -4.18 -15.82 -19.56
N TYR B 55 -3.21 -15.19 -18.90
CA TYR B 55 -1.80 -15.62 -19.03
C TYR B 55 -1.69 -17.08 -18.54
N ALA B 56 -2.31 -17.40 -17.41
CA ALA B 56 -2.30 -18.75 -16.87
C ALA B 56 -2.97 -19.75 -17.82
N LEU B 57 -4.11 -19.36 -18.37
CA LEU B 57 -4.83 -20.28 -19.28
C LEU B 57 -3.97 -20.50 -20.52
N ASN B 58 -3.29 -19.45 -21.01
CA ASN B 58 -2.41 -19.52 -22.18
C ASN B 58 -1.20 -20.40 -21.93
N LEU B 59 -0.61 -20.33 -20.73
CA LEU B 59 0.52 -21.24 -20.40
C LEU B 59 0.07 -22.69 -20.50
N LEU B 60 -1.18 -22.96 -20.21
CA LEU B 60 -1.69 -24.37 -20.19
C LEU B 60 -2.06 -24.82 -21.63
N GLY B 61 -1.97 -23.90 -22.57
CA GLY B 61 -2.36 -24.21 -23.98
C GLY B 61 -3.84 -24.01 -24.25
N GLY B 62 -4.56 -23.28 -23.39
CA GLY B 62 -5.97 -22.97 -23.60
C GLY B 62 -6.08 -21.74 -24.51
N ASP B 63 -7.31 -21.41 -24.94
CA ASP B 63 -7.54 -20.34 -25.89
C ASP B 63 -8.26 -19.23 -25.14
N ALA B 64 -7.49 -18.31 -24.61
CA ALA B 64 -8.03 -17.32 -23.67
C ALA B 64 -8.31 -16.03 -24.41
N ARG B 65 -9.55 -15.53 -24.28
CA ARG B 65 -9.94 -14.29 -24.96
C ARG B 65 -10.20 -13.21 -23.90
N MET B 66 -9.20 -12.35 -23.67
CA MET B 66 -9.36 -11.25 -22.69
C MET B 66 -10.37 -10.24 -23.18
N MET B 67 -11.27 -9.85 -22.27
CA MET B 67 -12.22 -8.77 -22.55
C MET B 67 -12.01 -7.71 -21.50
N GLY B 68 -11.54 -6.58 -21.95
CA GLY B 68 -11.25 -5.46 -21.03
C GLY B 68 -10.86 -4.23 -21.80
N THR B 69 -10.67 -3.13 -21.08
CA THR B 69 -10.27 -1.87 -21.70
C THR B 69 -8.88 -1.41 -21.25
N LEU B 70 -8.11 -0.91 -22.20
CA LEU B 70 -6.78 -0.28 -22.01
C LEU B 70 -6.84 1.18 -22.46
N GLY B 71 -5.85 1.96 -22.06
CA GLY B 71 -5.81 3.41 -22.46
C GLY B 71 -4.73 3.59 -23.50
N ALA B 72 -5.02 4.29 -24.60
CA ALA B 72 -4.04 4.46 -25.68
C ALA B 72 -2.71 5.06 -25.29
N VAL B 73 -2.66 5.89 -24.26
CA VAL B 73 -1.43 6.55 -23.94
C VAL B 73 -0.35 5.55 -23.64
N ASP B 74 -0.72 4.45 -22.94
CA ASP B 74 0.32 3.50 -22.52
C ASP B 74 -0.07 2.06 -22.75
N ALA B 75 -1.04 1.83 -23.64
CA ALA B 75 -1.47 0.44 -23.96
C ALA B 75 -0.42 -0.36 -24.73
N GLN B 76 0.45 0.29 -25.51
CA GLN B 76 1.23 -0.48 -26.51
C GLN B 76 2.08 -1.63 -25.96
N PRO B 77 2.77 -1.44 -24.83
CA PRO B 77 3.55 -2.58 -24.34
C PRO B 77 2.68 -3.81 -24.04
N TYR B 78 1.48 -3.59 -23.53
CA TYR B 78 0.58 -4.72 -23.26
C TYR B 78 0.05 -5.34 -24.53
N LEU B 79 -0.30 -4.50 -25.54
CA LEU B 79 -0.77 -5.04 -26.83
C LEU B 79 0.35 -5.86 -27.42
N ASP B 80 1.59 -5.35 -27.36
CA ASP B 80 2.72 -6.08 -28.00
C ASP B 80 2.98 -7.38 -27.27
N ARG B 81 2.82 -7.38 -25.95
CA ARG B 81 3.01 -8.59 -25.17
C ARG B 81 1.94 -9.64 -25.53
N MET B 82 0.70 -9.21 -25.74
CA MET B 82 -0.36 -10.14 -26.08
C MET B 82 -0.01 -10.79 -27.40
N ASP B 83 0.47 -10.00 -28.35
CA ASP B 83 0.87 -10.52 -29.65
C ASP B 83 1.99 -11.56 -29.52
N ALA B 84 3.01 -11.26 -28.71
CA ALA B 84 4.15 -12.16 -28.48
C ALA B 84 3.71 -13.47 -27.87
N LEU B 85 2.71 -13.42 -27.01
CA LEU B 85 2.28 -14.64 -26.28
C LEU B 85 1.24 -15.45 -27.01
N GLY B 86 0.67 -14.90 -28.08
CA GLY B 86 -0.47 -15.51 -28.79
C GLY B 86 -1.82 -15.31 -28.14
N LEU B 87 -1.95 -14.24 -27.34
CA LEU B 87 -3.24 -13.86 -26.74
C LEU B 87 -4.01 -12.94 -27.68
N SER B 88 -5.23 -13.36 -28.02
CA SER B 88 -6.06 -12.63 -28.98
C SER B 88 -6.40 -11.29 -28.38
N ARG B 89 -6.32 -10.24 -29.21
CA ARG B 89 -6.74 -8.89 -28.82
C ARG B 89 -8.16 -8.58 -29.26
N GLU B 90 -8.90 -9.62 -29.65
CA GLU B 90 -10.25 -9.48 -30.25
C GLU B 90 -11.15 -8.57 -29.37
N TYR B 91 -11.14 -8.82 -28.06
CA TYR B 91 -12.07 -8.12 -27.13
C TYR B 91 -11.35 -7.15 -26.20
N VAL B 92 -10.12 -6.79 -26.57
CA VAL B 92 -9.33 -5.76 -25.82
C VAL B 92 -9.58 -4.42 -26.53
N ARG B 93 -10.32 -3.50 -25.90
CA ARG B 93 -10.63 -2.21 -26.52
C ARG B 93 -9.69 -1.16 -25.97
N VAL B 94 -9.11 -0.38 -26.86
CA VAL B 94 -8.17 0.68 -26.48
C VAL B 94 -8.84 2.05 -26.58
N LEU B 95 -8.87 2.80 -25.48
CA LEU B 95 -9.54 4.13 -25.50
C LEU B 95 -8.58 5.25 -25.76
N PRO B 96 -8.92 6.15 -26.70
CA PRO B 96 -7.97 7.21 -27.06
C PRO B 96 -7.73 8.18 -25.95
N ASP B 97 -6.49 8.70 -25.91
CA ASP B 97 -6.14 9.80 -24.99
C ASP B 97 -6.44 9.49 -23.52
N THR B 98 -6.26 8.22 -23.16
CA THR B 98 -6.60 7.72 -21.82
C THR B 98 -5.43 6.87 -21.31
N TYR B 99 -5.23 6.86 -20.00
CA TYR B 99 -4.21 5.98 -19.40
C TYR B 99 -4.84 4.64 -19.06
N SER B 100 -4.05 3.56 -19.16
CA SER B 100 -4.51 2.28 -18.65
C SER B 100 -4.58 2.27 -17.13
N ALA B 101 -5.37 1.33 -16.61
CA ALA B 101 -5.42 1.08 -15.16
C ALA B 101 -4.04 0.86 -14.57
N GLN B 102 -3.85 1.35 -13.34
CA GLN B 102 -2.58 1.21 -12.63
C GLN B 102 -2.88 0.82 -11.19
N ALA B 103 -2.26 -0.26 -10.74
CA ALA B 103 -2.45 -0.70 -9.34
C ALA B 103 -1.16 -0.51 -8.59
N MET B 104 -1.25 0.12 -7.42
CA MET B 104 -0.11 0.25 -6.53
CA MET B 104 -0.11 0.26 -6.51
C MET B 104 -0.40 -0.72 -5.39
N ILE B 105 0.31 -1.84 -5.37
CA ILE B 105 0.00 -2.96 -4.49
C ILE B 105 1.07 -3.15 -3.42
N THR B 106 0.65 -3.07 -2.15
CA THR B 106 1.58 -3.44 -1.07
C THR B 106 1.27 -4.80 -0.50
N THR B 107 2.21 -5.74 -0.63
CA THR B 107 1.95 -7.10 -0.21
CA THR B 107 1.97 -7.12 -0.17
C THR B 107 2.76 -7.47 1.05
N ASP B 108 2.30 -8.47 1.76
CA ASP B 108 3.18 -9.15 2.70
C ASP B 108 3.31 -10.58 2.25
N LEU B 109 3.96 -11.41 3.05
CA LEU B 109 4.28 -12.79 2.63
C LEU B 109 3.09 -13.73 2.83
N ASP B 110 2.16 -13.36 3.72
CA ASP B 110 0.90 -14.09 4.01
C ASP B 110 -0.14 -13.91 2.93
N ASN B 111 0.23 -13.16 1.91
CA ASN B 111 -0.60 -12.94 0.74
C ASN B 111 -1.65 -11.87 1.12
N ASN B 112 -1.39 -11.07 2.17
CA ASN B 112 -2.21 -9.87 2.40
C ASN B 112 -1.80 -8.83 1.39
N GLN B 113 -2.79 -8.11 0.84
CA GLN B 113 -2.63 -7.05 -0.17
CA GLN B 113 -2.50 -6.98 -0.05
C GLN B 113 -3.38 -5.79 0.28
N ILE B 114 -2.77 -4.60 0.26
CA ILE B 114 -3.54 -3.35 0.29
C ILE B 114 -3.17 -2.59 -1.01
N THR B 115 -4.18 -2.34 -1.85
CA THR B 115 -3.95 -1.82 -3.20
C THR B 115 -4.66 -0.49 -3.39
N ALA B 116 -3.93 0.52 -3.86
CA ALA B 116 -4.56 1.73 -4.37
C ALA B 116 -4.66 1.57 -5.87
N PHE B 117 -5.87 1.70 -6.38
CA PHE B 117 -6.12 1.37 -7.78
C PHE B 117 -6.59 2.61 -8.52
N HIS B 118 -5.85 2.99 -9.57
CA HIS B 118 -6.30 4.10 -10.42
C HIS B 118 -6.93 3.51 -11.68
N PRO B 119 -8.24 3.59 -11.80
CA PRO B 119 -8.94 2.83 -12.83
C PRO B 119 -8.57 3.22 -14.24
N GLY B 120 -8.39 4.51 -14.54
CA GLY B 120 -8.13 4.88 -15.92
C GLY B 120 -9.19 4.26 -16.84
N ALA B 121 -8.69 3.66 -17.91
CA ALA B 121 -9.55 3.07 -18.94
C ALA B 121 -10.50 1.99 -18.41
N MET B 122 -10.16 1.37 -17.29
CA MET B 122 -11.06 0.41 -16.70
C MET B 122 -12.44 0.97 -16.36
N MET B 123 -12.52 2.28 -16.13
CA MET B 123 -13.80 2.92 -15.78
C MET B 123 -14.83 2.72 -16.89
N GLN B 124 -14.35 2.49 -18.11
CA GLN B 124 -15.26 2.32 -19.29
C GLN B 124 -15.40 0.87 -19.72
N SER B 125 -15.06 -0.08 -18.83
CA SER B 125 -15.08 -1.51 -19.24
C SER B 125 -16.42 -2.03 -19.75
N HIS B 126 -17.52 -1.36 -19.36
CA HIS B 126 -18.83 -1.77 -19.83
C HIS B 126 -19.08 -1.46 -21.30
N VAL B 127 -18.16 -0.80 -22.01
CA VAL B 127 -18.30 -0.63 -23.47
C VAL B 127 -18.18 -1.96 -24.22
N ASN B 128 -17.52 -2.96 -23.60
CA ASN B 128 -17.52 -4.32 -24.18
C ASN B 128 -18.68 -5.12 -23.62
N HIS B 129 -19.33 -5.88 -24.48
CA HIS B 129 -20.49 -6.65 -24.05
C HIS B 129 -20.22 -8.13 -24.19
N ALA B 130 -20.22 -8.83 -23.06
CA ALA B 130 -19.80 -10.25 -23.04
C ALA B 130 -20.77 -11.15 -23.79
N GLY B 131 -22.05 -10.75 -23.83
CA GLY B 131 -23.10 -11.57 -24.46
C GLY B 131 -22.96 -11.52 -25.98
N GLU B 132 -22.11 -10.62 -26.46
CA GLU B 132 -21.86 -10.55 -27.90
C GLU B 132 -20.62 -11.31 -28.39
N ALA B 133 -19.85 -11.89 -27.48
CA ALA B 133 -18.65 -12.59 -27.89
C ALA B 133 -19.07 -13.92 -28.46
N LYS B 134 -18.46 -14.30 -29.58
CA LYS B 134 -18.88 -15.50 -30.33
C LYS B 134 -18.17 -16.79 -29.92
N ASP B 135 -18.96 -17.86 -29.86
CA ASP B 135 -18.42 -19.22 -29.66
C ASP B 135 -17.51 -19.26 -28.44
N ILE B 136 -18.07 -18.75 -27.36
CA ILE B 136 -17.44 -18.84 -26.08
C ILE B 136 -18.08 -20.04 -25.43
N LYS B 137 -17.26 -20.93 -24.90
CA LYS B 137 -17.82 -22.04 -24.16
C LYS B 137 -17.82 -21.92 -22.64
N LEU B 138 -17.06 -20.91 -22.15
CA LEU B 138 -16.84 -20.79 -20.72
C LEU B 138 -16.32 -19.38 -20.52
N ALA B 139 -16.63 -18.80 -19.35
CA ALA B 139 -16.14 -17.44 -19.05
C ALA B 139 -15.82 -17.28 -17.59
N ILE B 140 -15.15 -16.17 -17.26
CA ILE B 140 -15.04 -15.72 -15.88
C ILE B 140 -15.30 -14.22 -15.89
N VAL B 141 -15.97 -13.75 -14.87
CA VAL B 141 -16.13 -12.30 -14.63
C VAL B 141 -15.38 -11.99 -13.34
N GLY B 142 -14.29 -11.23 -13.47
CA GLY B 142 -13.49 -10.88 -12.32
C GLY B 142 -13.52 -9.39 -12.06
N PRO B 143 -12.69 -8.92 -11.13
CA PRO B 143 -12.72 -7.53 -10.71
C PRO B 143 -12.48 -6.61 -11.91
N ASP B 144 -13.23 -5.53 -11.95
CA ASP B 144 -13.32 -4.69 -13.15
C ASP B 144 -14.11 -3.46 -12.76
N GLY B 145 -14.31 -2.56 -13.70
CA GLY B 145 -15.29 -1.50 -13.47
C GLY B 145 -16.62 -2.08 -13.06
N PHE B 146 -17.27 -1.44 -12.09
CA PHE B 146 -18.44 -2.04 -11.47
C PHE B 146 -19.55 -2.28 -12.48
N GLN B 147 -19.84 -1.28 -13.30
CA GLN B 147 -20.90 -1.46 -14.28
C GLN B 147 -20.57 -2.63 -15.22
N GLY B 148 -19.29 -2.74 -15.64
CA GLY B 148 -18.86 -3.86 -16.45
C GLY B 148 -19.08 -5.18 -15.76
N MET B 149 -18.73 -5.29 -14.47
CA MET B 149 -18.86 -6.57 -13.77
C MET B 149 -20.32 -7.02 -13.79
N VAL B 150 -21.20 -6.10 -13.43
CA VAL B 150 -22.62 -6.45 -13.34
C VAL B 150 -23.21 -6.78 -14.71
N GLN B 151 -22.88 -5.96 -15.71
CA GLN B 151 -23.31 -6.15 -17.09
CA GLN B 151 -23.40 -6.21 -17.04
C GLN B 151 -22.86 -7.50 -17.64
N HIS B 152 -21.59 -7.83 -17.39
CA HIS B 152 -21.07 -9.10 -17.94
C HIS B 152 -21.81 -10.28 -17.34
N THR B 153 -22.09 -10.21 -16.04
CA THR B 153 -22.82 -11.30 -15.40
C THR B 153 -24.22 -11.48 -15.97
N GLU B 154 -24.92 -10.35 -16.14
CA GLU B 154 -26.25 -10.41 -16.74
C GLU B 154 -26.21 -11.00 -18.15
N GLU B 155 -25.28 -10.54 -18.96
CA GLU B 155 -25.21 -10.94 -20.35
C GLU B 155 -24.77 -12.37 -20.52
N LEU B 156 -23.79 -12.81 -19.73
CA LEU B 156 -23.38 -14.19 -19.88
C LEU B 156 -24.49 -15.16 -19.47
N ALA B 157 -25.24 -14.80 -18.41
CA ALA B 157 -26.31 -15.67 -17.89
C ALA B 157 -27.42 -15.73 -18.92
N GLN B 158 -27.65 -14.62 -19.60
CA GLN B 158 -28.77 -14.62 -20.54
C GLN B 158 -28.39 -15.36 -21.83
N ALA B 159 -27.10 -15.31 -22.19
CA ALA B 159 -26.57 -16.09 -23.32
C ALA B 159 -26.35 -17.58 -23.00
N GLY B 160 -26.55 -17.97 -21.73
CA GLY B 160 -26.37 -19.35 -21.28
C GLY B 160 -24.92 -19.83 -21.33
N VAL B 161 -23.96 -18.91 -21.19
CA VAL B 161 -22.53 -19.32 -21.14
C VAL B 161 -22.18 -19.59 -19.68
N PRO B 162 -21.65 -20.81 -19.36
CA PRO B 162 -21.28 -21.08 -17.96
C PRO B 162 -20.13 -20.13 -17.56
N PHE B 163 -20.18 -19.55 -16.37
CA PHE B 163 -19.11 -18.63 -15.99
C PHE B 163 -18.84 -18.68 -14.51
N ILE B 164 -17.55 -18.50 -14.18
CA ILE B 164 -17.15 -18.25 -12.79
C ILE B 164 -17.35 -16.76 -12.47
N PHE B 165 -17.95 -16.49 -11.33
CA PHE B 165 -18.03 -15.12 -10.78
C PHE B 165 -16.99 -14.96 -9.70
N ASP B 166 -16.09 -13.99 -9.88
CA ASP B 166 -14.96 -13.73 -9.04
CA ASP B 166 -15.08 -13.67 -8.82
C ASP B 166 -15.06 -12.21 -8.60
N PRO B 167 -15.92 -11.82 -7.62
CA PRO B 167 -16.07 -10.39 -7.30
C PRO B 167 -14.75 -9.78 -6.81
N GLY B 168 -13.99 -10.58 -6.06
CA GLY B 168 -12.61 -10.24 -5.69
C GLY B 168 -12.50 -8.82 -5.11
N GLN B 169 -11.50 -8.12 -5.58
CA GLN B 169 -11.26 -6.76 -5.12
C GLN B 169 -12.36 -5.78 -5.44
N GLY B 170 -13.31 -6.20 -6.26
CA GLY B 170 -14.41 -5.33 -6.67
C GLY B 170 -15.54 -5.33 -5.67
N LEU B 171 -15.41 -6.13 -4.62
CA LEU B 171 -16.51 -6.30 -3.65
C LEU B 171 -17.04 -4.99 -3.03
N PRO B 172 -16.17 -4.01 -2.70
CA PRO B 172 -16.71 -2.77 -2.09
C PRO B 172 -17.75 -2.04 -2.93
N LEU B 173 -17.73 -2.26 -4.24
CA LEU B 173 -18.62 -1.59 -5.18
C LEU B 173 -20.04 -2.21 -5.18
N PHE B 174 -20.15 -3.43 -4.65
CA PHE B 174 -21.43 -4.15 -4.62
C PHE B 174 -22.24 -3.79 -3.38
N ASP B 175 -23.56 -3.80 -3.50
CA ASP B 175 -24.41 -3.91 -2.30
C ASP B 175 -24.96 -5.31 -2.21
N GLY B 176 -25.73 -5.58 -1.16
CA GLY B 176 -26.29 -6.90 -0.96
C GLY B 176 -27.16 -7.39 -2.10
N ALA B 177 -28.00 -6.50 -2.66
CA ALA B 177 -28.94 -6.91 -3.68
C ALA B 177 -28.26 -7.31 -4.99
N THR B 178 -27.30 -6.49 -5.45
CA THR B 178 -26.56 -6.77 -6.68
CA THR B 178 -26.57 -6.76 -6.67
C THR B 178 -25.64 -7.98 -6.49
N LEU B 179 -25.11 -8.13 -5.29
CA LEU B 179 -24.25 -9.29 -5.02
C LEU B 179 -25.03 -10.60 -5.01
N ARG B 180 -26.16 -10.64 -4.28
CA ARG B 180 -27.05 -11.81 -4.33
C ARG B 180 -27.50 -12.14 -5.76
N ARG B 181 -27.88 -11.12 -6.53
CA ARG B 181 -28.30 -11.36 -7.93
C ARG B 181 -27.17 -11.99 -8.76
N SER B 182 -25.96 -11.45 -8.59
CA SER B 182 -24.82 -11.96 -9.37
C SER B 182 -24.53 -13.42 -9.09
N ILE B 183 -24.62 -13.81 -7.82
CA ILE B 183 -24.43 -15.19 -7.39
C ILE B 183 -25.54 -16.10 -7.90
N GLU B 184 -26.79 -15.61 -7.86
CA GLU B 184 -27.90 -16.36 -8.50
C GLU B 184 -27.59 -16.70 -9.98
N LEU B 185 -27.12 -15.73 -10.74
CA LEU B 185 -26.79 -15.91 -12.15
C LEU B 185 -25.55 -16.78 -12.40
N ALA B 186 -24.58 -16.70 -11.49
CA ALA B 186 -23.27 -17.35 -11.74
C ALA B 186 -23.36 -18.87 -11.75
N THR B 187 -22.53 -19.53 -12.55
CA THR B 187 -22.41 -20.99 -12.51
C THR B 187 -21.49 -21.43 -11.37
N TYR B 188 -20.39 -20.69 -11.18
CA TYR B 188 -19.47 -21.00 -10.09
C TYR B 188 -19.05 -19.69 -9.42
N ILE B 189 -18.61 -19.76 -8.17
CA ILE B 189 -17.99 -18.59 -7.55
CA ILE B 189 -18.01 -18.62 -7.45
C ILE B 189 -16.61 -18.99 -7.04
N ALA B 190 -15.62 -18.12 -7.30
CA ALA B 190 -14.28 -18.39 -6.80
C ALA B 190 -13.86 -17.19 -6.00
N VAL B 191 -13.40 -17.42 -4.77
CA VAL B 191 -13.02 -16.28 -3.89
C VAL B 191 -11.93 -16.74 -2.98
N ASN B 192 -11.11 -15.81 -2.45
CA ASN B 192 -10.29 -16.23 -1.31
C ASN B 192 -11.09 -16.19 -0.02
N ASP B 193 -10.53 -16.69 1.07
CA ASP B 193 -11.36 -16.81 2.26
C ASP B 193 -11.79 -15.48 2.89
N TYR B 194 -10.93 -14.48 2.75
CA TYR B 194 -11.24 -13.14 3.24
C TYR B 194 -12.45 -12.63 2.46
N GLU B 195 -12.39 -12.73 1.13
CA GLU B 195 -13.49 -12.30 0.31
C GLU B 195 -14.76 -13.11 0.59
N ALA B 196 -14.58 -14.42 0.82
CA ALA B 196 -15.75 -15.28 1.09
C ALA B 196 -16.49 -14.74 2.33
N LYS B 197 -15.73 -14.37 3.36
CA LYS B 197 -16.35 -13.77 4.56
C LYS B 197 -17.14 -12.49 4.23
N LEU B 198 -16.55 -11.63 3.41
CA LEU B 198 -17.21 -10.40 3.02
C LEU B 198 -18.45 -10.70 2.19
N VAL B 199 -18.41 -11.74 1.35
CA VAL B 199 -19.60 -12.08 0.54
C VAL B 199 -20.77 -12.53 1.45
N CYS B 200 -20.45 -13.41 2.40
CA CYS B 200 -21.47 -13.89 3.38
C CYS B 200 -22.02 -12.69 4.13
N ASP B 201 -21.15 -11.81 4.62
CA ASP B 201 -21.60 -10.61 5.35
C ASP B 201 -22.53 -9.72 4.53
N LYS B 202 -22.18 -9.48 3.26
CA LYS B 202 -22.92 -8.52 2.44
C LYS B 202 -24.24 -9.12 1.92
N THR B 203 -24.20 -10.39 1.57
CA THR B 203 -25.42 -11.05 1.06
C THR B 203 -26.38 -11.39 2.18
N GLY B 204 -25.86 -11.58 3.39
CA GLY B 204 -26.66 -12.14 4.47
C GLY B 204 -26.83 -13.65 4.35
N TRP B 205 -26.07 -14.27 3.46
CA TRP B 205 -26.10 -15.70 3.26
C TRP B 205 -24.93 -16.37 3.99
N SER B 206 -25.16 -17.62 4.38
CA SER B 206 -24.15 -18.52 4.91
C SER B 206 -23.45 -19.16 3.72
N GLU B 207 -22.29 -19.79 3.93
CA GLU B 207 -21.62 -20.50 2.83
C GLU B 207 -22.54 -21.55 2.23
N ASP B 208 -23.34 -22.20 3.10
CA ASP B 208 -24.32 -23.22 2.72
C ASP B 208 -25.30 -22.67 1.72
N GLU B 209 -25.81 -21.46 2.02
CA GLU B 209 -26.78 -20.81 1.17
C GLU B 209 -26.20 -20.37 -0.17
N ILE B 210 -24.95 -19.92 -0.17
CA ILE B 210 -24.30 -19.55 -1.43
C ILE B 210 -24.09 -20.80 -2.31
N ALA B 211 -23.62 -21.85 -1.65
CA ALA B 211 -23.30 -23.11 -2.29
C ALA B 211 -24.54 -23.71 -2.96
N SER B 212 -25.72 -23.45 -2.38
CA SER B 212 -26.96 -23.95 -2.98
C SER B 212 -27.34 -23.23 -4.26
N ARG B 213 -26.75 -22.05 -4.51
CA ARG B 213 -27.08 -21.24 -5.70
C ARG B 213 -26.08 -21.30 -6.86
N VAL B 214 -25.05 -22.13 -6.70
CA VAL B 214 -24.05 -22.34 -7.75
C VAL B 214 -23.72 -23.81 -7.89
N GLN B 215 -23.09 -24.16 -8.99
CA GLN B 215 -22.57 -25.52 -9.17
C GLN B 215 -21.35 -25.82 -8.30
N ALA B 216 -20.50 -24.80 -8.07
CA ALA B 216 -19.36 -25.01 -7.18
C ALA B 216 -19.01 -23.69 -6.54
N LEU B 217 -18.65 -23.76 -5.27
CA LEU B 217 -18.15 -22.61 -4.48
C LEU B 217 -16.71 -22.95 -4.14
N ILE B 218 -15.80 -22.16 -4.69
CA ILE B 218 -14.38 -22.42 -4.58
C ILE B 218 -13.79 -21.33 -3.70
N ILE B 219 -13.12 -21.75 -2.62
CA ILE B 219 -12.53 -20.80 -1.64
C ILE B 219 -11.06 -21.13 -1.48
N THR B 220 -10.20 -20.17 -1.83
CA THR B 220 -8.76 -20.40 -1.74
C THR B 220 -8.31 -19.90 -0.37
N ARG B 221 -7.30 -20.59 0.17
CA ARG B 221 -6.80 -20.38 1.52
CA ARG B 221 -6.79 -20.32 1.52
C ARG B 221 -5.28 -20.23 1.53
N GLY B 222 -4.73 -19.53 0.54
CA GLY B 222 -3.29 -19.29 0.51
C GLY B 222 -2.44 -20.55 0.54
N GLU B 223 -1.44 -20.60 1.42
CA GLU B 223 -0.55 -21.75 1.45
C GLU B 223 -1.25 -22.98 2.02
N HIS B 224 -2.48 -22.81 2.51
CA HIS B 224 -3.23 -23.95 3.05
C HIS B 224 -4.03 -24.66 1.97
N GLY B 225 -3.95 -24.15 0.74
CA GLY B 225 -4.68 -24.84 -0.36
C GLY B 225 -6.03 -24.22 -0.63
N ALA B 226 -7.05 -25.06 -0.88
CA ALA B 226 -8.36 -24.52 -1.22
C ALA B 226 -9.43 -25.55 -0.97
N THR B 227 -10.70 -25.11 -0.98
CA THR B 227 -11.84 -26.06 -0.95
C THR B 227 -12.74 -25.83 -2.14
N ILE B 228 -13.28 -26.93 -2.68
CA ILE B 228 -14.27 -26.82 -3.74
C ILE B 228 -15.53 -27.54 -3.27
N ARG B 229 -16.54 -26.78 -3.00
CA ARG B 229 -17.85 -27.31 -2.56
C ARG B 229 -18.77 -27.41 -3.78
N HIS B 230 -19.26 -28.63 -4.04
CA HIS B 230 -20.15 -28.88 -5.18
C HIS B 230 -21.26 -29.82 -4.70
N ARG B 231 -22.22 -30.11 -5.59
CA ARG B 231 -23.37 -31.02 -5.35
C ARG B 231 -23.09 -32.17 -4.37
N ASP B 232 -22.12 -33.01 -4.73
CA ASP B 232 -21.93 -34.31 -4.07
C ASP B 232 -20.96 -34.33 -2.89
N GLY B 233 -20.25 -33.23 -2.65
CA GLY B 233 -19.20 -33.27 -1.65
C GLY B 233 -18.34 -32.02 -1.72
N THR B 234 -17.30 -32.03 -0.90
CA THR B 234 -16.31 -30.97 -0.87
C THR B 234 -14.92 -31.55 -1.07
N GLU B 235 -14.20 -31.03 -2.07
CA GLU B 235 -12.82 -31.38 -2.34
C GLU B 235 -11.96 -30.51 -1.45
N GLN B 236 -11.10 -31.14 -0.67
CA GLN B 236 -10.06 -30.44 0.05
C GLN B 236 -8.82 -30.48 -0.84
N ILE B 237 -8.47 -29.35 -1.45
CA ILE B 237 -7.39 -29.32 -2.40
C ILE B 237 -6.12 -28.93 -1.65
N PRO B 238 -5.08 -29.75 -1.72
CA PRO B 238 -3.83 -29.37 -1.04
C PRO B 238 -3.09 -28.30 -1.78
N ALA B 239 -2.31 -27.49 -1.04
CA ALA B 239 -1.31 -26.67 -1.69
C ALA B 239 -0.17 -27.50 -2.26
N VAL B 240 0.49 -26.96 -3.27
CA VAL B 240 1.75 -27.49 -3.76
C VAL B 240 2.84 -26.69 -3.07
N ARG B 241 3.81 -27.38 -2.47
CA ARG B 241 4.96 -26.67 -1.84
C ARG B 241 5.65 -25.79 -2.85
N ALA B 242 5.76 -24.50 -2.52
CA ALA B 242 6.41 -23.55 -3.38
C ALA B 242 7.90 -23.75 -3.39
N GLU B 243 8.52 -23.62 -4.56
CA GLU B 243 9.99 -23.74 -4.62
CA GLU B 243 9.99 -23.67 -4.70
C GLU B 243 10.63 -22.60 -3.80
N ARG B 244 10.00 -21.43 -3.81
CA ARG B 244 10.39 -20.30 -2.96
C ARG B 244 9.18 -19.37 -3.01
N VAL B 245 9.10 -18.48 -2.04
CA VAL B 245 8.05 -17.46 -1.99
C VAL B 245 8.63 -16.09 -2.25
N ILE B 246 8.33 -15.59 -3.43
CA ILE B 246 8.82 -14.27 -3.86
C ILE B 246 7.72 -13.23 -3.80
N ASP B 247 6.55 -13.55 -4.41
CA ASP B 247 5.51 -12.54 -4.56
C ASP B 247 4.16 -13.22 -4.70
N PRO B 248 3.28 -13.08 -3.73
CA PRO B 248 1.96 -13.74 -3.87
C PRO B 248 0.98 -13.03 -4.81
N THR B 249 1.30 -11.84 -5.30
CA THR B 249 0.36 -11.10 -6.12
C THR B 249 0.02 -11.90 -7.39
N GLY B 250 -1.28 -12.21 -7.52
CA GLY B 250 -1.76 -12.89 -8.71
C GLY B 250 -1.88 -14.38 -8.46
N CYS B 251 -1.61 -14.86 -7.23
CA CYS B 251 -1.74 -16.36 -7.04
C CYS B 251 -3.15 -16.84 -7.30
N GLY B 252 -4.17 -16.08 -6.85
CA GLY B 252 -5.56 -16.49 -7.08
C GLY B 252 -5.86 -16.47 -8.60
N ASP B 253 -5.31 -15.52 -9.34
CA ASP B 253 -5.58 -15.47 -10.76
C ASP B 253 -4.94 -16.64 -11.50
N ALA B 254 -3.72 -17.02 -11.09
CA ALA B 254 -3.06 -18.19 -11.69
C ALA B 254 -3.94 -19.42 -11.41
N PHE B 255 -4.40 -19.55 -10.16
CA PHE B 255 -5.32 -20.62 -9.75
C PHE B 255 -6.56 -20.63 -10.64
N ARG B 256 -7.16 -19.46 -10.84
CA ARG B 256 -8.37 -19.43 -11.68
C ARG B 256 -8.09 -19.86 -13.13
N GLY B 257 -6.95 -19.50 -13.70
CA GLY B 257 -6.55 -20.02 -15.03
C GLY B 257 -6.54 -21.54 -15.04
N GLY B 258 -5.95 -22.15 -14.02
CA GLY B 258 -5.91 -23.62 -14.00
C GLY B 258 -7.29 -24.22 -13.82
N LEU B 259 -8.09 -23.62 -12.97
CA LEU B 259 -9.47 -24.10 -12.78
C LEU B 259 -10.23 -24.04 -14.10
N LEU B 260 -10.15 -22.91 -14.82
CA LEU B 260 -10.86 -22.75 -16.09
C LEU B 260 -10.38 -23.83 -17.09
N TYR B 261 -9.08 -24.10 -17.13
CA TYR B 261 -8.57 -25.12 -18.07
C TYR B 261 -9.19 -26.48 -17.68
N GLY B 262 -9.20 -26.79 -16.38
CA GLY B 262 -9.75 -28.09 -15.92
C GLY B 262 -11.24 -28.19 -16.28
N ILE B 263 -12.02 -27.12 -16.06
CA ILE B 263 -13.48 -27.18 -16.31
C ILE B 263 -13.68 -27.42 -17.83
N GLU B 264 -12.99 -26.65 -18.67
CA GLU B 264 -13.11 -26.76 -20.12
C GLU B 264 -12.86 -28.20 -20.59
N HIS B 265 -11.84 -28.85 -20.03
CA HIS B 265 -11.37 -30.15 -20.49
C HIS B 265 -11.99 -31.30 -19.71
N GLY B 266 -13.01 -31.01 -18.91
CA GLY B 266 -13.75 -32.08 -18.17
C GLY B 266 -12.93 -32.80 -17.10
N PHE B 267 -11.98 -32.08 -16.49
CA PHE B 267 -11.33 -32.63 -15.31
C PHE B 267 -12.36 -32.76 -14.22
N ASP B 268 -12.20 -33.77 -13.34
CA ASP B 268 -12.97 -33.79 -12.12
C ASP B 268 -12.54 -32.66 -11.19
N TRP B 269 -13.36 -32.32 -10.21
CA TRP B 269 -13.04 -31.19 -9.33
C TRP B 269 -11.74 -31.41 -8.60
N ALA B 270 -11.50 -32.64 -8.15
CA ALA B 270 -10.25 -32.95 -7.46
C ALA B 270 -9.03 -32.60 -8.31
N THR B 271 -9.12 -32.92 -9.59
CA THR B 271 -8.00 -32.69 -10.48
C THR B 271 -7.91 -31.23 -10.98
N ALA B 272 -9.07 -30.64 -11.27
CA ALA B 272 -9.09 -29.23 -11.70
C ALA B 272 -8.53 -28.41 -10.56
N GLY B 273 -8.95 -28.74 -9.35
CA GLY B 273 -8.46 -28.01 -8.15
C GLY B 273 -6.97 -28.17 -8.00
N ARG B 274 -6.43 -29.38 -8.19
CA ARG B 274 -5.01 -29.57 -8.00
C ARG B 274 -4.20 -28.85 -9.07
N LEU B 275 -4.73 -28.78 -10.30
CA LEU B 275 -4.03 -28.04 -11.34
C LEU B 275 -3.99 -26.54 -10.96
N ALA B 276 -5.13 -26.01 -10.53
CA ALA B 276 -5.24 -24.61 -10.10
C ALA B 276 -4.20 -24.35 -8.98
N SER B 277 -4.16 -25.24 -8.00
CA SER B 277 -3.26 -25.16 -6.84
C SER B 277 -1.80 -25.15 -7.30
N LEU B 278 -1.49 -26.01 -8.26
CA LEU B 278 -0.15 -26.02 -8.83
C LEU B 278 0.18 -24.70 -9.49
N MET B 279 -0.76 -24.16 -10.29
CA MET B 279 -0.43 -22.86 -10.95
C MET B 279 -0.16 -21.76 -9.91
N GLY B 280 -0.93 -21.73 -8.82
CA GLY B 280 -0.69 -20.79 -7.74
C GLY B 280 0.72 -20.91 -7.18
N ALA B 281 1.17 -22.15 -7.00
CA ALA B 281 2.57 -22.38 -6.50
C ALA B 281 3.64 -22.04 -7.47
N LEU B 282 3.41 -22.26 -8.77
CA LEU B 282 4.44 -21.89 -9.74
C LEU B 282 4.58 -20.38 -9.84
N LYS B 283 3.44 -19.70 -9.72
CA LYS B 283 3.41 -18.24 -9.77
C LYS B 283 4.18 -17.60 -8.62
N ILE B 284 4.01 -18.11 -7.41
CA ILE B 284 4.55 -17.38 -6.22
C ILE B 284 6.08 -17.39 -6.18
N ALA B 285 6.68 -18.26 -6.99
CA ALA B 285 8.14 -18.35 -7.05
C ALA B 285 8.81 -17.24 -7.86
N HIS B 286 8.02 -16.30 -8.40
CA HIS B 286 8.57 -15.24 -9.24
C HIS B 286 7.85 -13.94 -8.96
N GLN B 287 8.53 -12.83 -9.25
CA GLN B 287 8.06 -11.49 -8.93
C GLN B 287 7.12 -11.05 -10.03
N GLY B 288 5.91 -10.63 -9.69
CA GLY B 288 4.99 -10.14 -10.70
C GLY B 288 3.92 -11.21 -10.86
N PRO B 289 2.72 -10.85 -11.30
CA PRO B 289 1.69 -11.88 -11.51
C PRO B 289 1.93 -12.75 -12.74
N GLN B 290 2.76 -12.33 -13.71
CA GLN B 290 2.88 -13.09 -14.97
C GLN B 290 4.33 -13.40 -15.36
N THR B 291 5.28 -13.36 -14.44
N THR B 291 5.24 -13.39 -14.39
CA THR B 291 6.64 -13.61 -14.91
CA THR B 291 6.66 -13.58 -14.65
C THR B 291 7.03 -15.09 -14.88
C THR B 291 6.97 -15.04 -14.88
N TYR B 292 6.37 -15.89 -14.05
CA TYR B 292 6.52 -17.35 -14.15
C TYR B 292 6.21 -17.81 -15.57
N ALA B 293 7.09 -18.63 -16.12
CA ALA B 293 6.91 -19.06 -17.49
C ALA B 293 7.26 -20.55 -17.66
N PRO B 294 6.60 -21.44 -16.90
CA PRO B 294 6.77 -22.87 -17.09
C PRO B 294 6.33 -23.32 -18.49
N THR B 295 7.08 -24.26 -19.05
CA THR B 295 6.60 -24.91 -20.25
C THR B 295 5.46 -25.82 -19.89
N ARG B 296 4.70 -26.16 -20.90
CA ARG B 296 3.60 -27.04 -20.64
C ARG B 296 4.07 -28.42 -20.12
N ALA B 297 5.19 -28.91 -20.67
CA ALA B 297 5.80 -30.16 -20.16
C ALA B 297 6.19 -30.04 -18.70
N GLU B 298 6.78 -28.92 -18.30
CA GLU B 298 7.13 -28.65 -16.88
C GLU B 298 5.91 -28.66 -15.95
N ILE B 299 4.80 -28.07 -16.41
CA ILE B 299 3.57 -28.12 -15.65
C ILE B 299 3.12 -29.56 -15.39
N ASP B 300 3.07 -30.38 -16.46
CA ASP B 300 2.69 -31.79 -16.30
C ASP B 300 3.64 -32.57 -15.40
N ALA B 301 4.93 -32.29 -15.55
CA ALA B 301 5.96 -32.98 -14.70
C ALA B 301 5.81 -32.61 -13.25
N ARG B 302 5.57 -31.31 -12.95
CA ARG B 302 5.39 -30.89 -11.59
C ARG B 302 4.07 -31.38 -10.98
N PHE B 303 3.02 -31.53 -11.82
CA PHE B 303 1.77 -32.06 -11.34
C PHE B 303 1.99 -33.54 -10.91
N GLU B 304 2.71 -34.28 -11.76
CA GLU B 304 3.03 -35.68 -11.46
C GLU B 304 3.83 -35.79 -10.17
N THR B 305 4.85 -34.94 -9.99
CA THR B 305 5.65 -34.96 -8.76
C THR B 305 4.81 -34.64 -7.53
N ALA B 306 3.94 -33.64 -7.63
CA ALA B 306 3.12 -33.25 -6.48
C ALA B 306 2.04 -34.25 -6.10
N PHE B 307 1.41 -34.85 -7.11
CA PHE B 307 0.15 -35.56 -6.90
C PHE B 307 0.14 -37.03 -7.27
N GLY B 308 1.14 -37.47 -8.00
CA GLY B 308 1.33 -38.92 -8.27
C GLY B 308 0.58 -39.44 -9.47
N TYR B 309 -0.05 -38.56 -10.24
CA TYR B 309 -0.75 -38.96 -11.45
C TYR B 309 -0.70 -37.88 -12.51
N ARG B 310 -1.07 -38.25 -13.73
CA ARG B 310 -1.08 -37.34 -14.88
C ARG B 310 -2.46 -36.66 -14.98
N PRO B 311 -2.48 -35.32 -15.04
CA PRO B 311 -3.75 -34.59 -15.05
C PRO B 311 -4.43 -34.77 -16.39
N LYS B 312 -5.60 -35.40 -16.36
CA LYS B 312 -6.32 -35.68 -17.59
C LYS B 312 -7.78 -35.34 -17.38
N GLY B 313 -8.48 -35.08 -18.47
CA GLY B 313 -9.90 -34.83 -18.40
C GLY B 313 -10.63 -35.88 -19.20
N SER B 314 -11.82 -35.52 -19.64
CA SER B 314 -12.74 -36.51 -20.15
C SER B 314 -13.53 -35.77 -21.21
N LYS B 315 -13.62 -36.34 -22.41
CA LYS B 315 -14.33 -35.63 -23.45
C LYS B 315 -15.82 -35.50 -23.06
N LEU B 316 -16.39 -36.58 -22.51
CA LEU B 316 -17.80 -36.55 -22.15
C LEU B 316 -18.14 -35.42 -21.16
N ARG B 317 -17.20 -35.14 -20.24
CA ARG B 317 -17.44 -34.09 -19.26
C ARG B 317 -16.92 -32.71 -19.72
N SER B 318 -16.19 -32.66 -20.82
CA SER B 318 -15.66 -31.39 -21.36
C SER B 318 -16.74 -30.46 -21.91
N LEU B 319 -16.41 -29.20 -22.12
CA LEU B 319 -17.39 -28.21 -22.59
C LEU B 319 -17.33 -28.03 -24.08
N GLU B 320 -18.49 -27.78 -24.68
CA GLU B 320 -18.62 -27.37 -26.07
C GLU B 320 -19.33 -26.02 -26.14
N HIS B 321 -19.16 -25.29 -27.25
CA HIS B 321 -20.01 -24.08 -27.46
C HIS B 321 -21.35 -24.46 -28.09
#